data_1Y60
#
_entry.id   1Y60
#
_cell.length_a   48.860
_cell.length_b   112.590
_cell.length_c   72.010
_cell.angle_alpha   90.00
_cell.angle_beta   91.00
_cell.angle_gamma   90.00
#
_symmetry.space_group_name_H-M   'P 1 21 1'
#
loop_
_entity.id
_entity.type
_entity.pdbx_description
1 polymer 'Formaldehyde-activating enzyme fae'
2 non-polymer '5,10-DIMETHYLENE TETRAHYDROMETHANOPTERIN'
3 water water
#
_entity_poly.entity_id   1
_entity_poly.type   'polypeptide(L)'
_entity_poly.pdbx_seq_one_letter_code
;AKITKVQVGEALVGDGNEVAHIDLIIGPRGSPAETAFCNGLVNNKHGFTSLLAVIAPNLPCKPNTLMFNKVTINDARQAV
QMFGPAQHGVAMAVQDAVAEGIIPADEADDLYVLVGVFIHWEAADDAKIQKYNYEATKLSIQRAVNGEPKASVVTEQRKS
ATHPFAANA
;
_entity_poly.pdbx_strand_id   A,B,C,D,E
#
# COMPACT_ATOMS: atom_id res chain seq x y z
N ALA A 1 18.94 -22.20 -7.71
CA ALA A 1 19.64 -21.96 -9.00
C ALA A 1 18.67 -21.88 -10.17
N LYS A 2 17.47 -22.44 -10.01
CA LYS A 2 16.49 -22.38 -11.10
C LYS A 2 15.77 -21.04 -11.16
N ILE A 3 15.16 -20.67 -10.05
CA ILE A 3 14.37 -19.44 -9.92
C ILE A 3 15.07 -18.41 -9.04
N THR A 4 15.96 -17.65 -9.64
CA THR A 4 16.76 -16.68 -8.91
C THR A 4 16.31 -15.23 -8.96
N LYS A 5 15.30 -14.92 -9.76
CA LYS A 5 14.82 -13.54 -9.85
C LYS A 5 13.32 -13.58 -9.99
N VAL A 6 12.69 -12.41 -9.93
CA VAL A 6 11.24 -12.30 -10.07
C VAL A 6 10.84 -12.62 -11.49
N GLN A 7 9.85 -13.49 -11.64
CA GLN A 7 9.37 -13.85 -12.97
C GLN A 7 7.84 -13.69 -12.93
N VAL A 8 7.25 -13.34 -14.07
CA VAL A 8 5.82 -13.08 -14.18
C VAL A 8 5.20 -14.07 -15.15
N GLY A 9 4.10 -14.68 -14.74
CA GLY A 9 3.42 -15.64 -15.61
C GLY A 9 1.98 -15.24 -15.80
N GLU A 10 1.35 -15.74 -16.85
CA GLU A 10 -0.05 -15.42 -17.13
C GLU A 10 -0.62 -16.55 -17.99
N ALA A 11 -1.91 -16.79 -17.88
CA ALA A 11 -2.56 -17.82 -18.68
C ALA A 11 -4.07 -17.75 -18.52
N LEU A 12 -4.80 -17.98 -19.62
CA LEU A 12 -6.26 -18.02 -19.59
C LEU A 12 -6.60 -19.43 -20.05
N VAL A 13 -7.39 -20.14 -19.24
CA VAL A 13 -7.80 -21.51 -19.57
C VAL A 13 -9.29 -21.67 -19.27
N GLY A 14 -9.99 -22.37 -20.16
CA GLY A 14 -11.41 -22.60 -19.95
C GLY A 14 -12.32 -21.79 -20.85
N ASP A 15 -13.61 -21.81 -20.52
CA ASP A 15 -14.62 -21.10 -21.31
C ASP A 15 -15.89 -20.92 -20.49
N GLY A 16 -16.91 -20.34 -21.09
CA GLY A 16 -18.14 -20.12 -20.36
C GLY A 16 -17.91 -19.13 -19.24
N ASN A 17 -18.78 -19.12 -18.25
CA ASN A 17 -18.65 -18.18 -17.14
C ASN A 17 -17.57 -18.56 -16.15
N GLU A 18 -17.08 -19.79 -16.22
CA GLU A 18 -16.06 -20.24 -15.29
C GLU A 18 -14.63 -20.04 -15.78
N VAL A 19 -14.49 -19.49 -16.97
CA VAL A 19 -13.15 -19.29 -17.53
C VAL A 19 -12.16 -18.70 -16.52
N ALA A 20 -10.97 -19.28 -16.46
CA ALA A 20 -9.95 -18.78 -15.55
C ALA A 20 -8.91 -17.95 -16.28
N HIS A 21 -8.43 -16.91 -15.60
CA HIS A 21 -7.36 -16.07 -16.15
C HIS A 21 -6.52 -15.70 -14.95
N ILE A 22 -5.29 -16.20 -14.96
CA ILE A 22 -4.35 -16.00 -13.88
C ILE A 22 -3.24 -14.99 -14.27
N ASP A 23 -2.94 -14.07 -13.34
CA ASP A 23 -1.86 -13.08 -13.48
C ASP A 23 -1.04 -13.52 -12.28
N LEU A 24 0.19 -13.96 -12.53
CA LEU A 24 1.04 -14.50 -11.48
C LEU A 24 2.47 -13.97 -11.40
N ILE A 25 2.98 -13.93 -10.17
CA ILE A 25 4.35 -13.51 -9.92
C ILE A 25 5.02 -14.56 -9.02
N ILE A 26 6.27 -14.91 -9.30
CA ILE A 26 7.00 -15.85 -8.45
C ILE A 26 8.39 -15.27 -8.26
N GLY A 27 8.97 -15.41 -7.07
CA GLY A 27 10.29 -14.88 -6.84
C GLY A 27 10.87 -15.44 -5.55
N PRO A 28 12.20 -15.38 -5.39
CA PRO A 28 12.86 -15.89 -4.20
C PRO A 28 12.89 -14.94 -3.00
N ARG A 29 13.36 -15.51 -1.89
CA ARG A 29 13.51 -14.80 -0.64
C ARG A 29 14.44 -13.63 -0.97
N GLY A 30 14.18 -12.46 -0.39
CA GLY A 30 15.00 -11.30 -0.67
C GLY A 30 14.61 -10.53 -1.93
N SER A 31 13.59 -10.99 -2.64
CA SER A 31 13.21 -10.29 -3.88
C SER A 31 11.89 -9.54 -3.67
N PRO A 32 11.52 -8.67 -4.62
CA PRO A 32 10.26 -7.92 -4.49
C PRO A 32 9.02 -8.84 -4.40
N ALA A 33 9.16 -10.13 -4.74
CA ALA A 33 8.02 -11.06 -4.64
C ALA A 33 7.71 -11.28 -3.15
N GLU A 34 8.75 -11.38 -2.33
CA GLU A 34 8.59 -11.55 -0.89
C GLU A 34 8.01 -10.28 -0.25
N THR A 35 8.42 -9.12 -0.73
CA THR A 35 7.93 -7.87 -0.19
C THR A 35 6.44 -7.70 -0.48
N ALA A 36 6.07 -7.94 -1.73
CA ALA A 36 4.68 -7.82 -2.15
C ALA A 36 3.82 -8.90 -1.48
N PHE A 37 4.39 -10.08 -1.23
CA PHE A 37 3.65 -11.14 -0.53
C PHE A 37 3.26 -10.62 0.89
N CYS A 38 4.23 -10.07 1.61
CA CYS A 38 3.98 -9.57 2.96
C CYS A 38 3.07 -8.33 2.96
N ASN A 39 3.34 -7.37 2.07
CA ASN A 39 2.52 -6.15 2.00
C ASN A 39 1.10 -6.50 1.57
N GLY A 40 0.97 -7.54 0.76
CA GLY A 40 -0.33 -7.95 0.27
C GLY A 40 -1.18 -8.63 1.34
N LEU A 41 -0.62 -9.55 2.10
CA LEU A 41 -1.40 -10.24 3.13
C LEU A 41 -1.97 -9.30 4.21
N VAL A 42 -1.21 -8.29 4.63
CA VAL A 42 -1.73 -7.43 5.70
C VAL A 42 -2.76 -6.41 5.26
N ASN A 43 -2.87 -6.19 3.96
CA ASN A 43 -3.77 -5.18 3.43
C ASN A 43 -5.04 -5.65 2.75
N ASN A 44 -6.12 -5.71 3.54
CA ASN A 44 -7.44 -6.11 3.04
C ASN A 44 -8.35 -4.90 2.95
N LYS A 45 -9.28 -4.94 2.01
CA LYS A 45 -10.21 -3.84 1.83
C LYS A 45 -11.54 -4.46 1.47
N HIS A 46 -12.60 -3.64 1.49
CA HIS A 46 -13.92 -4.16 1.18
C HIS A 46 -13.96 -4.76 -0.23
N GLY A 47 -14.44 -6.00 -0.33
CA GLY A 47 -14.51 -6.68 -1.61
C GLY A 47 -13.21 -7.35 -2.05
N PHE A 48 -12.12 -7.05 -1.35
CA PHE A 48 -10.82 -7.61 -1.71
C PHE A 48 -9.95 -8.00 -0.52
N THR A 49 -10.06 -9.27 -0.12
CA THR A 49 -9.27 -9.79 0.99
C THR A 49 -8.31 -10.79 0.34
N SER A 50 -7.05 -10.76 0.75
CA SER A 50 -6.06 -11.65 0.19
C SER A 50 -5.75 -12.70 1.25
N LEU A 51 -5.60 -13.95 0.82
CA LEU A 51 -5.33 -15.02 1.77
C LEU A 51 -4.29 -15.97 1.22
N LEU A 52 -3.66 -16.71 2.12
CA LEU A 52 -2.67 -17.71 1.74
C LEU A 52 -3.42 -18.80 0.99
N ALA A 53 -2.82 -19.32 -0.08
CA ALA A 53 -3.46 -20.41 -0.78
C ALA A 53 -3.20 -21.69 0.02
N VAL A 54 -4.25 -22.46 0.25
CA VAL A 54 -4.09 -23.72 0.97
C VAL A 54 -4.78 -24.85 0.22
N ILE A 55 -4.17 -26.03 0.26
CA ILE A 55 -4.74 -27.21 -0.36
C ILE A 55 -5.99 -27.46 0.46
N ALA A 56 -5.87 -27.23 1.76
CA ALA A 56 -6.96 -27.37 2.71
C ALA A 56 -6.53 -26.65 3.98
N PRO A 57 -7.50 -26.29 4.86
CA PRO A 57 -7.12 -25.62 6.10
C PRO A 57 -6.11 -26.54 6.81
N ASN A 58 -5.07 -25.95 7.37
CA ASN A 58 -4.01 -26.68 8.05
C ASN A 58 -3.07 -27.39 7.08
N LEU A 59 -3.19 -27.08 5.78
CA LEU A 59 -2.26 -27.65 4.81
C LEU A 59 -2.02 -26.66 3.69
N PRO A 60 -1.25 -25.60 3.96
CA PRO A 60 -0.98 -24.60 2.92
C PRO A 60 -0.02 -25.20 1.89
N CYS A 61 -0.10 -24.73 0.64
CA CYS A 61 0.85 -25.23 -0.36
C CYS A 61 2.17 -24.52 -0.11
N LYS A 62 3.25 -25.14 -0.55
CA LYS A 62 4.59 -24.58 -0.38
C LYS A 62 5.23 -24.78 -1.74
N PRO A 63 5.90 -23.75 -2.29
CA PRO A 63 6.12 -22.40 -1.76
C PRO A 63 4.90 -21.60 -1.32
N ASN A 64 5.09 -20.78 -0.27
CA ASN A 64 4.07 -19.87 0.28
C ASN A 64 3.41 -19.08 -0.87
N THR A 65 2.10 -19.10 -0.92
CA THR A 65 1.40 -18.46 -2.00
C THR A 65 0.29 -17.55 -1.50
N LEU A 66 0.27 -16.33 -2.01
CA LEU A 66 -0.75 -15.34 -1.67
C LEU A 66 -1.73 -15.25 -2.86
N MET A 67 -3.02 -15.33 -2.57
CA MET A 67 -4.08 -15.27 -3.58
C MET A 67 -4.86 -13.99 -3.39
N PHE A 68 -5.20 -13.32 -4.49
CA PHE A 68 -6.00 -12.10 -4.43
C PHE A 68 -7.00 -12.11 -5.60
N ASN A 69 -8.19 -11.57 -5.39
CA ASN A 69 -9.20 -11.56 -6.43
C ASN A 69 -9.17 -10.29 -7.29
N LYS A 70 -9.66 -10.44 -8.52
CA LYS A 70 -9.73 -9.35 -9.49
C LYS A 70 -11.15 -8.75 -9.49
N VAL A 71 -12.13 -9.63 -9.37
CA VAL A 71 -13.51 -9.20 -9.37
C VAL A 71 -14.01 -8.93 -7.96
N THR A 72 -14.62 -7.78 -7.75
CA THR A 72 -15.14 -7.42 -6.43
C THR A 72 -15.98 -8.56 -5.86
N ILE A 73 -15.72 -8.92 -4.60
CA ILE A 73 -16.47 -9.97 -3.93
C ILE A 73 -17.53 -9.27 -3.08
N ASN A 74 -18.80 -9.42 -3.48
CA ASN A 74 -19.90 -8.77 -2.77
C ASN A 74 -20.68 -9.68 -1.82
N ASP A 75 -20.58 -10.99 -1.98
CA ASP A 75 -21.35 -11.88 -1.12
C ASP A 75 -20.60 -13.17 -0.82
N ALA A 76 -21.19 -13.99 0.03
CA ALA A 76 -20.59 -15.26 0.42
C ALA A 76 -20.40 -16.21 -0.75
N ARG A 77 -21.36 -16.24 -1.69
CA ARG A 77 -21.24 -17.14 -2.83
C ARG A 77 -19.91 -16.93 -3.57
N GLN A 78 -19.60 -15.67 -3.85
CA GLN A 78 -18.37 -15.29 -4.53
C GLN A 78 -17.15 -15.61 -3.68
N ALA A 79 -17.24 -15.31 -2.39
CA ALA A 79 -16.14 -15.56 -1.46
C ALA A 79 -15.77 -17.05 -1.40
N VAL A 80 -16.78 -17.91 -1.36
CA VAL A 80 -16.53 -19.34 -1.28
C VAL A 80 -15.94 -19.89 -2.56
N GLN A 81 -16.40 -19.38 -3.71
CA GLN A 81 -15.85 -19.81 -4.99
C GLN A 81 -14.35 -19.46 -5.02
N MET A 82 -14.03 -18.21 -4.68
CA MET A 82 -12.64 -17.76 -4.68
C MET A 82 -11.82 -18.58 -3.71
N PHE A 83 -12.32 -18.76 -2.50
CA PHE A 83 -11.57 -19.51 -1.52
C PHE A 83 -12.04 -20.94 -1.24
N GLY A 84 -12.50 -21.59 -2.30
CA GLY A 84 -12.95 -22.96 -2.24
C GLY A 84 -12.41 -23.64 -3.48
N PRO A 85 -13.23 -23.77 -4.54
CA PRO A 85 -12.72 -24.43 -5.76
C PRO A 85 -11.48 -23.73 -6.33
N ALA A 86 -11.50 -22.40 -6.42
CA ALA A 86 -10.33 -21.74 -6.99
C ALA A 86 -9.10 -21.90 -6.08
N GLN A 87 -9.28 -21.67 -4.79
CA GLN A 87 -8.16 -21.80 -3.88
C GLN A 87 -7.56 -23.21 -3.93
N HIS A 88 -8.41 -24.23 -3.85
CA HIS A 88 -7.91 -25.59 -3.90
C HIS A 88 -7.19 -25.81 -5.23
N GLY A 89 -7.78 -25.31 -6.32
CA GLY A 89 -7.16 -25.45 -7.64
C GLY A 89 -5.79 -24.79 -7.70
N VAL A 90 -5.69 -23.55 -7.20
CA VAL A 90 -4.42 -22.81 -7.21
C VAL A 90 -3.37 -23.51 -6.36
N ALA A 91 -3.77 -23.90 -5.15
CA ALA A 91 -2.85 -24.57 -4.23
C ALA A 91 -2.35 -25.91 -4.77
N MET A 92 -3.25 -26.71 -5.36
CA MET A 92 -2.82 -27.99 -5.92
C MET A 92 -1.88 -27.78 -7.12
N ALA A 93 -2.14 -26.73 -7.91
CA ALA A 93 -1.29 -26.43 -9.06
C ALA A 93 0.11 -26.14 -8.55
N VAL A 94 0.20 -25.34 -7.49
CA VAL A 94 1.52 -25.03 -6.94
C VAL A 94 2.19 -26.31 -6.46
N GLN A 95 1.48 -27.14 -5.70
CA GLN A 95 2.09 -28.36 -5.15
C GLN A 95 2.43 -29.38 -6.23
N ASP A 96 1.56 -29.53 -7.23
CA ASP A 96 1.88 -30.43 -8.32
C ASP A 96 3.12 -29.94 -9.06
N ALA A 97 3.26 -28.61 -9.21
CA ALA A 97 4.44 -28.08 -9.91
C ALA A 97 5.70 -28.46 -9.15
N VAL A 98 5.60 -28.50 -7.83
CA VAL A 98 6.76 -28.89 -7.04
C VAL A 98 7.02 -30.38 -7.23
N ALA A 99 5.97 -31.17 -7.12
CA ALA A 99 6.09 -32.63 -7.27
C ALA A 99 6.71 -32.97 -8.62
N GLU A 100 6.23 -32.28 -9.65
CA GLU A 100 6.74 -32.51 -10.99
C GLU A 100 8.09 -31.86 -11.31
N GLY A 101 8.68 -31.18 -10.34
CA GLY A 101 9.98 -30.56 -10.60
C GLY A 101 9.98 -29.24 -11.36
N ILE A 102 8.80 -28.71 -11.71
CA ILE A 102 8.73 -27.44 -12.41
C ILE A 102 9.29 -26.38 -11.45
N ILE A 103 8.92 -26.49 -10.18
CA ILE A 103 9.45 -25.62 -9.15
C ILE A 103 10.34 -26.62 -8.42
N PRO A 104 11.67 -26.44 -8.48
CA PRO A 104 12.54 -27.41 -7.80
C PRO A 104 12.20 -27.59 -6.32
N ALA A 105 12.14 -28.85 -5.90
CA ALA A 105 11.84 -29.19 -4.51
C ALA A 105 12.74 -28.52 -3.51
N ASP A 106 14.02 -28.41 -3.86
CA ASP A 106 15.00 -27.80 -2.96
C ASP A 106 14.98 -26.27 -2.98
N GLU A 107 13.97 -25.69 -3.63
CA GLU A 107 13.84 -24.24 -3.69
C GLU A 107 12.49 -23.85 -3.15
N ALA A 108 11.62 -24.83 -3.02
CA ALA A 108 10.25 -24.60 -2.59
C ALA A 108 10.05 -23.91 -1.23
N ASP A 109 11.00 -24.07 -0.31
CA ASP A 109 10.87 -23.44 1.00
C ASP A 109 11.39 -22.03 1.06
N ASP A 110 11.90 -21.54 -0.07
CA ASP A 110 12.44 -20.19 -0.11
C ASP A 110 11.92 -19.38 -1.29
N LEU A 111 10.70 -19.65 -1.72
CA LEU A 111 10.09 -18.96 -2.84
C LEU A 111 8.73 -18.45 -2.41
N TYR A 112 8.25 -17.42 -3.11
CA TYR A 112 6.92 -16.84 -2.83
C TYR A 112 6.16 -16.72 -4.14
N VAL A 113 4.87 -17.04 -4.09
CA VAL A 113 4.05 -16.96 -5.29
C VAL A 113 2.87 -16.04 -5.03
N LEU A 114 2.58 -15.19 -6.00
CA LEU A 114 1.50 -14.23 -5.92
C LEU A 114 0.55 -14.59 -7.05
N VAL A 115 -0.70 -14.88 -6.71
CA VAL A 115 -1.68 -15.29 -7.72
C VAL A 115 -2.96 -14.44 -7.76
N GLY A 116 -3.15 -13.73 -8.88
CA GLY A 116 -4.35 -12.94 -9.07
C GLY A 116 -5.34 -13.82 -9.82
N VAL A 117 -6.53 -14.04 -9.27
CA VAL A 117 -7.47 -14.88 -9.97
C VAL A 117 -8.79 -14.22 -10.34
N PHE A 118 -9.26 -14.59 -11.52
CA PHE A 118 -10.49 -14.09 -12.10
C PHE A 118 -11.64 -15.12 -11.99
N ILE A 119 -12.77 -14.65 -11.47
CA ILE A 119 -13.97 -15.48 -11.39
C ILE A 119 -15.09 -14.52 -11.73
N HIS A 120 -15.66 -14.70 -12.93
CA HIS A 120 -16.74 -13.86 -13.41
C HIS A 120 -17.88 -13.95 -12.39
N TRP A 121 -18.66 -12.89 -12.23
CA TRP A 121 -19.74 -12.94 -11.26
C TRP A 121 -20.86 -13.91 -11.63
N GLU A 122 -20.82 -14.46 -12.84
CA GLU A 122 -21.85 -15.42 -13.26
C GLU A 122 -21.33 -16.84 -13.23
N ALA A 123 -20.11 -17.03 -12.73
CA ALA A 123 -19.52 -18.36 -12.63
C ALA A 123 -20.46 -19.17 -11.73
N ALA A 124 -20.66 -20.44 -12.07
CA ALA A 124 -21.55 -21.29 -11.26
C ALA A 124 -21.05 -22.71 -11.02
N ASP A 125 -20.37 -23.30 -12.00
CA ASP A 125 -19.89 -24.66 -11.83
C ASP A 125 -18.55 -24.76 -11.10
N ASP A 126 -18.63 -25.18 -9.83
CA ASP A 126 -17.45 -25.30 -9.00
C ASP A 126 -16.38 -26.20 -9.58
N ALA A 127 -16.77 -27.31 -10.18
CA ALA A 127 -15.82 -28.24 -10.78
C ALA A 127 -14.96 -27.57 -11.85
N LYS A 128 -15.60 -26.74 -12.68
CA LYS A 128 -14.91 -26.02 -13.75
C LYS A 128 -14.03 -24.92 -13.18
N ILE A 129 -14.56 -24.15 -12.22
CA ILE A 129 -13.77 -23.09 -11.58
C ILE A 129 -12.48 -23.73 -11.07
N GLN A 130 -12.63 -24.84 -10.35
CA GLN A 130 -11.48 -25.52 -9.79
C GLN A 130 -10.52 -26.04 -10.85
N LYS A 131 -11.05 -26.71 -11.86
CA LYS A 131 -10.19 -27.26 -12.91
C LYS A 131 -9.51 -26.19 -13.76
N TYR A 132 -10.26 -25.20 -14.22
CA TYR A 132 -9.66 -24.14 -15.04
C TYR A 132 -8.60 -23.36 -14.27
N ASN A 133 -8.86 -23.03 -13.00
CA ASN A 133 -7.87 -22.31 -12.24
C ASN A 133 -6.64 -23.18 -11.94
N TYR A 134 -6.84 -24.47 -11.78
CA TYR A 134 -5.72 -25.36 -11.56
C TYR A 134 -4.86 -25.36 -12.82
N GLU A 135 -5.48 -25.57 -13.98
CA GLU A 135 -4.71 -25.59 -15.22
C GLU A 135 -4.07 -24.22 -15.55
N ALA A 136 -4.81 -23.12 -15.37
CA ALA A 136 -4.27 -21.80 -15.67
C ALA A 136 -3.13 -21.45 -14.73
N THR A 137 -3.24 -21.84 -13.47
CA THR A 137 -2.19 -21.53 -12.52
C THR A 137 -0.95 -22.36 -12.87
N LYS A 138 -1.16 -23.62 -13.21
CA LYS A 138 -0.02 -24.48 -13.56
C LYS A 138 0.70 -23.98 -14.82
N LEU A 139 -0.08 -23.53 -15.79
CA LEU A 139 0.50 -22.99 -17.01
C LEU A 139 1.29 -21.69 -16.69
N SER A 140 0.71 -20.84 -15.86
CA SER A 140 1.37 -19.58 -15.49
C SER A 140 2.71 -19.83 -14.77
N ILE A 141 2.73 -20.85 -13.92
CA ILE A 141 3.95 -21.18 -13.18
C ILE A 141 5.01 -21.70 -14.15
N GLN A 142 4.59 -22.61 -15.02
CA GLN A 142 5.51 -23.17 -16.02
C GLN A 142 6.11 -22.06 -16.88
N ARG A 143 5.27 -21.13 -17.32
CA ARG A 143 5.74 -20.01 -18.12
C ARG A 143 6.66 -19.10 -17.31
N ALA A 144 6.20 -18.70 -16.13
CA ALA A 144 7.02 -17.82 -15.31
C ALA A 144 8.41 -18.38 -15.00
N VAL A 145 8.47 -19.65 -14.61
N VAL A 145 8.48 -19.65 -14.61
CA VAL A 145 9.74 -20.27 -14.26
CA VAL A 145 9.77 -20.24 -14.25
C VAL A 145 10.74 -20.30 -15.42
C VAL A 145 10.75 -20.27 -15.42
N ASN A 146 10.23 -20.25 -16.64
CA ASN A 146 11.12 -20.23 -17.80
C ASN A 146 11.22 -18.82 -18.38
N GLY A 147 10.64 -17.83 -17.68
CA GLY A 147 10.70 -16.47 -18.19
C GLY A 147 9.97 -16.38 -19.52
N GLU A 148 8.94 -17.20 -19.70
CA GLU A 148 8.20 -17.19 -20.95
C GLU A 148 6.83 -16.53 -20.87
N PRO A 149 6.37 -15.99 -22.01
CA PRO A 149 7.07 -15.98 -23.31
C PRO A 149 8.18 -14.95 -23.35
N LYS A 150 9.31 -15.32 -23.98
CA LYS A 150 10.42 -14.41 -24.12
C LYS A 150 10.00 -13.22 -24.98
N ALA A 151 10.59 -12.06 -24.72
CA ALA A 151 10.27 -10.86 -25.47
C ALA A 151 10.39 -11.08 -26.98
N SER A 152 11.45 -11.76 -27.41
CA SER A 152 11.64 -11.98 -28.86
C SER A 152 10.48 -12.79 -29.43
N VAL A 153 9.97 -13.72 -28.64
CA VAL A 153 8.88 -14.54 -29.12
C VAL A 153 7.61 -13.72 -29.20
N VAL A 154 7.37 -12.84 -28.24
CA VAL A 154 6.14 -12.02 -28.29
C VAL A 154 6.22 -11.03 -29.46
N THR A 155 7.41 -10.46 -29.69
CA THR A 155 7.61 -9.52 -30.79
C THR A 155 7.28 -10.21 -32.12
N GLU A 156 7.80 -11.42 -32.31
CA GLU A 156 7.57 -12.19 -33.54
C GLU A 156 6.10 -12.47 -33.83
N GLN A 157 5.32 -12.74 -32.79
CA GLN A 157 3.93 -13.05 -33.06
C GLN A 157 2.90 -12.03 -32.60
N ARG A 158 3.33 -10.79 -32.40
CA ARG A 158 2.38 -9.78 -31.95
C ARG A 158 1.28 -9.49 -32.96
N LYS A 159 1.62 -9.51 -34.24
CA LYS A 159 0.65 -9.18 -35.27
C LYS A 159 -0.42 -10.24 -35.54
N SER A 160 -0.18 -11.46 -35.10
CA SER A 160 -1.14 -12.52 -35.34
C SER A 160 -2.05 -12.86 -34.16
N ALA A 161 -1.78 -12.26 -33.01
CA ALA A 161 -2.59 -12.53 -31.82
C ALA A 161 -3.93 -11.81 -31.88
N THR A 162 -4.95 -12.39 -31.27
CA THR A 162 -6.27 -11.76 -31.26
C THR A 162 -6.85 -11.56 -29.85
N HIS A 163 -7.03 -10.31 -29.45
CA HIS A 163 -7.59 -9.98 -28.13
C HIS A 163 -9.09 -9.96 -28.29
N PRO A 164 -9.81 -10.65 -27.40
CA PRO A 164 -11.27 -10.76 -27.42
C PRO A 164 -12.09 -9.49 -27.23
N PHE A 165 -11.55 -8.49 -26.56
CA PHE A 165 -12.27 -7.24 -26.31
C PHE A 165 -11.74 -6.01 -27.04
N ALA A 166 -10.66 -6.18 -27.79
CA ALA A 166 -10.09 -5.05 -28.52
C ALA A 166 -10.11 -5.31 -30.00
N ALA A 167 -9.23 -6.22 -30.41
CA ALA A 167 -9.10 -6.63 -31.81
C ALA A 167 -8.51 -5.58 -32.79
N ASN A 168 -7.56 -6.06 -33.57
CA ASN A 168 -6.85 -5.30 -34.61
C ASN A 168 -5.71 -6.20 -35.04
N ALA B 1 23.31 -1.47 -21.23
CA ALA B 1 22.62 -0.41 -20.45
C ALA B 1 21.57 0.25 -21.33
N LYS B 2 21.21 1.48 -21.01
CA LYS B 2 20.19 2.27 -21.73
C LYS B 2 19.11 2.60 -20.72
N ILE B 3 18.33 1.60 -20.33
CA ILE B 3 17.32 1.86 -19.30
C ILE B 3 17.85 1.23 -17.99
N THR B 4 18.73 1.96 -17.31
CA THR B 4 19.35 1.47 -16.08
C THR B 4 18.82 2.07 -14.79
N LYS B 5 17.72 2.79 -14.87
CA LYS B 5 17.14 3.39 -13.70
C LYS B 5 15.67 3.73 -13.96
N VAL B 6 14.97 4.14 -12.92
CA VAL B 6 13.58 4.50 -13.10
C VAL B 6 13.43 5.79 -13.92
N GLN B 7 12.57 5.75 -14.92
CA GLN B 7 12.30 6.92 -15.75
C GLN B 7 10.78 7.08 -15.79
N VAL B 8 10.30 8.32 -15.83
CA VAL B 8 8.87 8.62 -15.84
C VAL B 8 8.47 9.28 -17.17
N GLY B 9 7.38 8.82 -17.77
CA GLY B 9 6.95 9.39 -19.03
C GLY B 9 5.49 9.81 -18.95
N GLU B 10 5.08 10.70 -19.84
CA GLU B 10 3.70 11.18 -19.84
C GLU B 10 3.34 11.69 -21.23
N ALA B 11 2.06 11.62 -21.59
CA ALA B 11 1.62 12.12 -22.89
C ALA B 11 0.10 12.13 -22.98
N LEU B 12 -0.44 13.15 -23.63
CA LEU B 12 -1.87 13.24 -23.86
C LEU B 12 -2.02 13.23 -25.39
N VAL B 13 -2.83 12.32 -25.91
CA VAL B 13 -3.05 12.20 -27.35
C VAL B 13 -4.53 12.00 -27.63
N GLY B 14 -5.04 12.69 -28.65
CA GLY B 14 -6.44 12.53 -29.02
C GLY B 14 -7.33 13.70 -28.67
N ASP B 15 -8.64 13.49 -28.76
CA ASP B 15 -9.61 14.53 -28.46
C ASP B 15 -10.97 13.90 -28.20
N GLY B 16 -11.97 14.75 -27.99
CA GLY B 16 -13.30 14.24 -27.73
C GLY B 16 -13.29 13.48 -26.42
N ASN B 17 -14.28 12.64 -26.20
CA ASN B 17 -14.38 11.87 -24.96
C ASN B 17 -13.40 10.72 -24.88
N GLU B 18 -12.79 10.34 -25.99
CA GLU B 18 -11.85 9.22 -26.02
C GLU B 18 -10.41 9.63 -25.79
N VAL B 19 -10.19 10.93 -25.62
CA VAL B 19 -8.83 11.44 -25.40
C VAL B 19 -8.07 10.58 -24.37
N ALA B 20 -6.83 10.24 -24.71
CA ALA B 20 -5.97 9.43 -23.85
C ALA B 20 -4.94 10.29 -23.13
N HIS B 21 -4.65 9.94 -21.88
CA HIS B 21 -3.63 10.62 -21.10
C HIS B 21 -2.98 9.52 -20.29
N ILE B 22 -1.73 9.27 -20.60
CA ILE B 22 -0.94 8.25 -19.95
C ILE B 22 0.10 8.82 -18.97
N ASP B 23 0.17 8.24 -17.77
CA ASP B 23 1.18 8.60 -16.76
C ASP B 23 1.92 7.26 -16.70
N LEU B 24 3.20 7.27 -16.98
CA LEU B 24 3.97 6.03 -17.06
C LEU B 24 5.30 6.00 -16.32
N ILE B 25 5.67 4.81 -15.86
CA ILE B 25 6.95 4.59 -15.19
C ILE B 25 7.59 3.36 -15.81
N ILE B 26 8.90 3.40 -16.02
CA ILE B 26 9.61 2.23 -16.54
C ILE B 26 10.92 2.10 -15.78
N GLY B 27 11.34 0.89 -15.49
CA GLY B 27 12.59 0.73 -14.75
C GLY B 27 13.05 -0.71 -14.78
N PRO B 28 14.33 -0.95 -14.49
CA PRO B 28 14.89 -2.31 -14.49
C PRO B 28 14.68 -3.14 -13.22
N ARG B 29 15.03 -4.40 -13.37
CA ARG B 29 14.98 -5.38 -12.29
C ARG B 29 15.81 -4.75 -11.17
N GLY B 30 15.37 -4.92 -9.94
CA GLY B 30 16.11 -4.35 -8.82
C GLY B 30 15.77 -2.90 -8.50
N SER B 31 14.95 -2.27 -9.33
CA SER B 31 14.60 -0.87 -9.09
C SER B 31 13.21 -0.72 -8.50
N PRO B 32 12.86 0.50 -8.06
CA PRO B 32 11.53 0.73 -7.49
C PRO B 32 10.39 0.45 -8.48
N ALA B 33 10.70 0.43 -9.79
CA ALA B 33 9.66 0.10 -10.76
C ALA B 33 9.21 -1.36 -10.56
N GLU B 34 10.16 -2.24 -10.24
CA GLU B 34 9.85 -3.66 -10.02
C GLU B 34 9.04 -3.85 -8.74
N THR B 35 9.38 -3.08 -7.72
CA THR B 35 8.69 -3.14 -6.45
C THR B 35 7.25 -2.69 -6.59
N ALA B 36 7.07 -1.55 -7.26
CA ALA B 36 5.72 -1.00 -7.45
C ALA B 36 4.89 -1.91 -8.36
N PHE B 37 5.56 -2.57 -9.31
CA PHE B 37 4.90 -3.50 -10.20
C PHE B 37 4.29 -4.63 -9.34
N CYS B 38 5.09 -5.21 -8.45
CA CYS B 38 4.61 -6.29 -7.61
C CYS B 38 3.57 -5.82 -6.59
N ASN B 39 3.84 -4.70 -5.92
CA ASN B 39 2.90 -4.17 -4.92
C ASN B 39 1.59 -3.75 -5.56
N GLY B 40 1.68 -3.32 -6.81
CA GLY B 40 0.52 -2.87 -7.53
C GLY B 40 -0.39 -4.00 -7.94
N LEU B 41 0.17 -5.08 -8.50
CA LEU B 41 -0.63 -6.21 -8.95
C LEU B 41 -1.43 -6.92 -7.87
N VAL B 42 -0.89 -7.03 -6.67
CA VAL B 42 -1.60 -7.74 -5.59
C VAL B 42 -2.65 -6.92 -4.89
N ASN B 43 -2.67 -5.61 -5.13
CA ASN B 43 -3.59 -4.71 -4.45
C ASN B 43 -4.75 -4.12 -5.26
N ASN B 44 -5.87 -4.80 -5.26
CA ASN B 44 -7.06 -4.33 -5.96
C ASN B 44 -8.07 -3.79 -4.97
N LYS B 45 -8.86 -2.83 -5.42
CA LYS B 45 -9.87 -2.22 -4.59
C LYS B 45 -11.11 -2.00 -5.45
N HIS B 46 -12.21 -1.64 -4.82
CA HIS B 46 -13.43 -1.41 -5.57
C HIS B 46 -13.23 -0.26 -6.56
N GLY B 47 -13.55 -0.54 -7.82
CA GLY B 47 -13.41 0.48 -8.86
C GLY B 47 -12.01 0.60 -9.42
N PHE B 48 -11.05 -0.09 -8.80
CA PHE B 48 -9.68 -0.04 -9.25
C PHE B 48 -8.93 -1.37 -9.16
N THR B 49 -8.93 -2.10 -10.26
CA THR B 49 -8.22 -3.38 -10.31
C THR B 49 -7.09 -3.18 -11.29
N SER B 50 -5.91 -3.67 -10.95
CA SER B 50 -4.75 -3.52 -11.82
C SER B 50 -4.45 -4.87 -12.46
N LEU B 51 -4.12 -4.85 -13.74
CA LEU B 51 -3.85 -6.11 -14.41
C LEU B 51 -2.67 -5.99 -15.35
N LEU B 52 -2.10 -7.14 -15.69
CA LEU B 52 -0.98 -7.18 -16.61
C LEU B 52 -1.50 -6.78 -18.00
N ALA B 53 -0.75 -5.94 -18.70
CA ALA B 53 -1.18 -5.59 -20.04
C ALA B 53 -0.88 -6.78 -20.97
N VAL B 54 -1.86 -7.19 -21.76
CA VAL B 54 -1.65 -8.28 -22.69
C VAL B 54 -2.12 -7.87 -24.09
N ILE B 55 -1.38 -8.31 -25.10
CA ILE B 55 -1.75 -8.06 -26.48
C ILE B 55 -3.05 -8.84 -26.67
N ALA B 56 -3.10 -10.00 -26.02
CA ALA B 56 -4.30 -10.85 -26.02
C ALA B 56 -4.13 -11.86 -24.88
N PRO B 57 -5.22 -12.49 -24.42
CA PRO B 57 -5.05 -13.47 -23.35
C PRO B 57 -4.03 -14.49 -23.84
N ASN B 58 -3.14 -14.92 -22.94
CA ASN B 58 -2.08 -15.86 -23.31
C ASN B 58 -0.95 -15.24 -24.13
N LEU B 59 -0.96 -13.92 -24.27
CA LEU B 59 0.13 -13.27 -24.98
C LEU B 59 0.41 -11.90 -24.37
N PRO B 60 1.01 -11.89 -23.17
CA PRO B 60 1.31 -10.61 -22.50
C PRO B 60 2.45 -9.92 -23.21
N CYS B 61 2.46 -8.59 -23.17
CA CYS B 61 3.56 -7.89 -23.80
C CYS B 61 4.76 -8.00 -22.86
N LYS B 62 5.94 -7.93 -23.44
CA LYS B 62 7.18 -8.01 -22.68
C LYS B 62 7.99 -6.83 -23.22
N PRO B 63 8.59 -6.01 -22.34
CA PRO B 63 8.59 -6.09 -20.86
C PRO B 63 7.27 -6.15 -20.14
N ASN B 64 7.27 -6.88 -19.01
CA ASN B 64 6.09 -7.02 -18.15
C ASN B 64 5.50 -5.64 -17.88
N THR B 65 4.20 -5.51 -18.06
CA THR B 65 3.57 -4.22 -17.89
C THR B 65 2.34 -4.31 -17.03
N LEU B 66 2.25 -3.41 -16.05
CA LEU B 66 1.10 -3.35 -15.16
C LEU B 66 0.27 -2.13 -15.55
N MET B 67 -1.03 -2.32 -15.72
CA MET B 67 -1.96 -1.25 -16.10
C MET B 67 -2.91 -0.95 -14.95
N PHE B 68 -3.19 0.32 -14.72
CA PHE B 68 -4.13 0.72 -13.66
C PHE B 68 -4.96 1.91 -14.15
N ASN B 69 -6.21 1.98 -13.73
CA ASN B 69 -7.08 3.06 -14.20
C ASN B 69 -7.09 4.27 -13.26
N LYS B 70 -7.42 5.42 -13.83
CA LYS B 70 -7.49 6.67 -13.08
C LYS B 70 -8.94 6.98 -12.75
N VAL B 71 -9.81 6.73 -13.71
CA VAL B 71 -11.23 6.99 -13.50
C VAL B 71 -11.90 5.75 -12.89
N THR B 72 -12.68 5.95 -11.84
CA THR B 72 -13.37 4.86 -11.15
C THR B 72 -14.17 4.00 -12.13
N ILE B 73 -14.00 2.68 -12.06
CA ILE B 73 -14.73 1.79 -12.94
C ILE B 73 -15.96 1.29 -12.18
N ASN B 74 -17.13 1.74 -12.62
CA ASN B 74 -18.38 1.38 -11.96
C ASN B 74 -19.17 0.26 -12.62
N ASP B 75 -18.94 -0.01 -13.89
CA ASP B 75 -19.69 -1.05 -14.58
C ASP B 75 -18.84 -1.80 -15.59
N ALA B 76 -19.43 -2.83 -16.18
CA ALA B 76 -18.75 -3.65 -17.16
C ALA B 76 -18.33 -2.86 -18.41
N ARG B 77 -19.14 -1.89 -18.83
CA ARG B 77 -18.80 -1.10 -20.02
C ARG B 77 -17.44 -0.45 -19.84
N GLN B 78 -17.24 0.17 -18.68
CA GLN B 78 -15.97 0.83 -18.39
C GLN B 78 -14.85 -0.18 -18.24
N ALA B 79 -15.15 -1.31 -17.62
CA ALA B 79 -14.14 -2.34 -17.42
C ALA B 79 -13.62 -2.91 -18.74
N VAL B 80 -14.53 -3.14 -19.68
CA VAL B 80 -14.14 -3.68 -20.98
C VAL B 80 -13.33 -2.68 -21.81
N GLN B 81 -13.68 -1.41 -21.73
CA GLN B 81 -12.93 -0.39 -22.45
C GLN B 81 -11.48 -0.40 -21.94
N MET B 82 -11.33 -0.32 -20.62
CA MET B 82 -10.03 -0.31 -19.97
C MET B 82 -9.23 -1.55 -20.35
N PHE B 83 -9.87 -2.70 -20.23
CA PHE B 83 -9.18 -3.93 -20.52
C PHE B 83 -9.56 -4.61 -21.82
N GLY B 84 -9.80 -3.77 -22.83
CA GLY B 84 -10.14 -4.22 -24.17
C GLY B 84 -9.36 -3.32 -25.10
N PRO B 85 -10.00 -2.30 -25.68
CA PRO B 85 -9.29 -1.40 -26.57
C PRO B 85 -8.07 -0.74 -25.94
N ALA B 86 -8.22 -0.23 -24.73
CA ALA B 86 -7.07 0.44 -24.09
C ALA B 86 -5.96 -0.55 -23.79
N GLN B 87 -6.31 -1.70 -23.23
CA GLN B 87 -5.30 -2.68 -22.90
C GLN B 87 -4.56 -3.13 -24.16
N HIS B 88 -5.29 -3.48 -25.21
CA HIS B 88 -4.64 -3.93 -26.43
C HIS B 88 -3.75 -2.79 -26.96
N GLY B 89 -4.27 -1.56 -26.88
CA GLY B 89 -3.47 -0.41 -27.34
C GLY B 89 -2.15 -0.25 -26.57
N VAL B 90 -2.26 -0.28 -25.24
CA VAL B 90 -1.09 -0.15 -24.37
C VAL B 90 -0.09 -1.28 -24.64
N ALA B 91 -0.61 -2.51 -24.69
CA ALA B 91 0.26 -3.66 -24.91
C ALA B 91 0.95 -3.64 -26.27
N MET B 92 0.20 -3.26 -27.32
CA MET B 92 0.83 -3.18 -28.65
C MET B 92 1.89 -2.08 -28.67
N ALA B 93 1.62 -0.98 -27.95
CA ALA B 93 2.58 0.14 -27.90
C ALA B 93 3.90 -0.34 -27.28
N VAL B 94 3.80 -1.11 -26.20
CA VAL B 94 4.98 -1.63 -25.54
C VAL B 94 5.74 -2.56 -26.51
N GLN B 95 5.04 -3.50 -27.13
CA GLN B 95 5.70 -4.45 -28.04
C GLN B 95 6.24 -3.78 -29.30
N ASP B 96 5.53 -2.77 -29.79
CA ASP B 96 6.04 -2.07 -31.00
C ASP B 96 7.29 -1.25 -30.60
N ALA B 97 7.33 -0.78 -29.35
CA ALA B 97 8.51 -0.04 -28.91
C ALA B 97 9.71 -0.99 -28.86
N VAL B 98 9.50 -2.25 -28.49
CA VAL B 98 10.59 -3.22 -28.49
C VAL B 98 10.99 -3.53 -29.94
N ALA B 99 10.00 -3.79 -30.78
CA ALA B 99 10.27 -4.11 -32.18
C ALA B 99 11.05 -2.97 -32.85
N GLU B 100 10.72 -1.72 -32.53
CA GLU B 100 11.40 -0.60 -33.15
C GLU B 100 12.70 -0.20 -32.45
N GLY B 101 13.10 -0.94 -31.42
CA GLY B 101 14.36 -0.63 -30.75
C GLY B 101 14.34 0.48 -29.73
N ILE B 102 13.16 1.07 -29.48
CA ILE B 102 13.03 2.13 -28.51
C ILE B 102 13.32 1.54 -27.13
N ILE B 103 12.81 0.33 -26.91
CA ILE B 103 13.09 -0.42 -25.69
C ILE B 103 14.00 -1.50 -26.29
N PRO B 104 15.31 -1.48 -25.99
CA PRO B 104 16.18 -2.50 -26.57
C PRO B 104 15.69 -3.93 -26.34
N ALA B 105 15.74 -4.73 -27.40
CA ALA B 105 15.29 -6.12 -27.35
C ALA B 105 16.02 -6.95 -26.29
N ASP B 106 17.31 -6.67 -26.08
CA ASP B 106 18.06 -7.44 -25.11
C ASP B 106 17.92 -6.93 -23.68
N GLU B 107 16.93 -6.06 -23.46
CA GLU B 107 16.67 -5.53 -22.13
C GLU B 107 15.22 -5.82 -21.77
N ALA B 108 14.43 -6.13 -22.79
CA ALA B 108 13.01 -6.38 -22.64
C ALA B 108 12.56 -7.42 -21.61
N ASP B 109 13.39 -8.43 -21.38
CA ASP B 109 13.06 -9.49 -20.42
C ASP B 109 13.44 -9.12 -18.98
N ASP B 110 14.01 -7.93 -18.78
CA ASP B 110 14.41 -7.52 -17.45
C ASP B 110 13.96 -6.11 -17.09
N LEU B 111 12.84 -5.68 -17.67
CA LEU B 111 12.31 -4.35 -17.40
C LEU B 111 10.87 -4.46 -16.97
N TYR B 112 10.36 -3.44 -16.30
CA TYR B 112 8.96 -3.40 -15.84
C TYR B 112 8.38 -2.04 -16.24
N VAL B 113 7.14 -2.06 -16.72
CA VAL B 113 6.45 -0.85 -17.14
C VAL B 113 5.16 -0.71 -16.35
N LEU B 114 4.90 0.50 -15.85
CA LEU B 114 3.69 0.80 -15.08
C LEU B 114 2.93 1.85 -15.89
N VAL B 115 1.67 1.57 -16.23
CA VAL B 115 0.89 2.48 -17.07
C VAL B 115 -0.45 2.92 -16.47
N GLY B 116 -0.57 4.21 -16.20
CA GLY B 116 -1.81 4.75 -15.65
C GLY B 116 -2.66 5.22 -16.83
N VAL B 117 -3.87 4.68 -16.95
CA VAL B 117 -4.74 4.98 -18.08
C VAL B 117 -5.98 5.83 -17.80
N PHE B 118 -6.17 6.85 -18.62
CA PHE B 118 -7.35 7.69 -18.48
C PHE B 118 -8.41 7.37 -19.55
N ILE B 119 -9.65 7.14 -19.09
CA ILE B 119 -10.76 6.89 -20.00
C ILE B 119 -11.94 7.64 -19.37
N HIS B 120 -12.32 8.75 -20.00
CA HIS B 120 -13.44 9.56 -19.51
C HIS B 120 -14.68 8.69 -19.45
N TRP B 121 -15.57 8.94 -18.50
CA TRP B 121 -16.75 8.09 -18.38
C TRP B 121 -17.70 8.22 -19.58
N GLU B 122 -17.47 9.20 -20.44
CA GLU B 122 -18.31 9.35 -21.63
C GLU B 122 -17.65 8.81 -22.89
N ALA B 123 -16.48 8.18 -22.74
CA ALA B 123 -15.78 7.61 -23.89
C ALA B 123 -16.72 6.58 -24.49
N ALA B 124 -16.75 6.51 -25.82
CA ALA B 124 -17.64 5.57 -26.51
C ALA B 124 -17.04 4.84 -27.71
N ASP B 125 -16.19 5.52 -28.47
CA ASP B 125 -15.61 4.88 -29.65
C ASP B 125 -14.35 4.05 -29.33
N ASP B 126 -14.52 2.73 -29.33
CA ASP B 126 -13.42 1.80 -29.05
C ASP B 126 -12.21 2.00 -29.93
N ALA B 127 -12.44 2.25 -31.22
CA ALA B 127 -11.34 2.45 -32.16
C ALA B 127 -10.44 3.61 -31.73
N LYS B 128 -11.06 4.68 -31.26
CA LYS B 128 -10.31 5.84 -30.81
C LYS B 128 -9.61 5.57 -29.47
N ILE B 129 -10.32 4.92 -28.55
CA ILE B 129 -9.73 4.60 -27.24
C ILE B 129 -8.46 3.81 -27.49
N GLN B 130 -8.57 2.79 -28.32
CA GLN B 130 -7.44 1.96 -28.66
C GLN B 130 -6.31 2.72 -29.34
N LYS B 131 -6.64 3.55 -30.34
CA LYS B 131 -5.61 4.29 -31.06
C LYS B 131 -4.92 5.38 -30.24
N TYR B 132 -5.70 6.18 -29.53
CA TYR B 132 -5.14 7.26 -28.73
C TYR B 132 -4.28 6.70 -27.59
N ASN B 133 -4.72 5.59 -26.98
CA ASN B 133 -3.92 5.00 -25.91
C ASN B 133 -2.68 4.34 -26.45
N TYR B 134 -2.78 3.82 -27.67
CA TYR B 134 -1.61 3.22 -28.28
C TYR B 134 -0.60 4.34 -28.51
N GLU B 135 -1.08 5.44 -29.11
CA GLU B 135 -0.21 6.56 -29.38
C GLU B 135 0.35 7.25 -28.12
N ALA B 136 -0.49 7.49 -27.12
CA ALA B 136 -0.04 8.14 -25.89
C ALA B 136 0.97 7.27 -25.14
N THR B 137 0.73 5.97 -25.12
CA THR B 137 1.62 5.06 -24.44
C THR B 137 2.97 5.03 -25.16
N LYS B 138 2.94 4.99 -26.48
CA LYS B 138 4.18 4.93 -27.22
C LYS B 138 4.99 6.20 -27.03
N LEU B 139 4.30 7.33 -27.02
CA LEU B 139 4.95 8.61 -26.83
C LEU B 139 5.56 8.66 -25.41
N SER B 140 4.80 8.20 -24.42
CA SER B 140 5.28 8.19 -23.02
C SER B 140 6.54 7.33 -22.85
N ILE B 141 6.58 6.18 -23.53
CA ILE B 141 7.72 5.28 -23.46
C ILE B 141 8.93 5.94 -24.11
N GLN B 142 8.73 6.50 -25.30
CA GLN B 142 9.82 7.18 -26.02
C GLN B 142 10.39 8.29 -25.15
N ARG B 143 9.51 9.05 -24.50
CA ARG B 143 9.95 10.13 -23.61
C ARG B 143 10.67 9.57 -22.37
N ALA B 144 10.04 8.63 -21.68
CA ALA B 144 10.63 8.06 -20.49
C ALA B 144 12.01 7.45 -20.74
N VAL B 145 12.13 6.70 -21.83
CA VAL B 145 13.37 6.04 -22.18
C VAL B 145 14.53 7.02 -22.39
N ASN B 146 14.23 8.28 -22.72
CA ASN B 146 15.29 9.29 -22.91
C ASN B 146 15.32 10.29 -21.76
N GLY B 147 14.55 10.02 -20.72
CA GLY B 147 14.49 10.91 -19.57
C GLY B 147 13.94 12.27 -19.98
N GLU B 148 13.06 12.28 -20.97
CA GLU B 148 12.49 13.52 -21.46
C GLU B 148 11.06 13.77 -21.02
N PRO B 149 10.67 15.05 -20.95
CA PRO B 149 11.52 16.20 -21.23
C PRO B 149 12.52 16.46 -20.11
N LYS B 150 13.75 16.82 -20.49
CA LYS B 150 14.80 17.15 -19.52
C LYS B 150 14.34 18.37 -18.74
N ALA B 151 14.76 18.46 -17.48
CA ALA B 151 14.38 19.59 -16.63
C ALA B 151 14.73 20.92 -17.28
N SER B 152 15.91 21.02 -17.89
CA SER B 152 16.30 22.29 -18.51
C SER B 152 15.32 22.69 -19.61
N VAL B 153 14.80 21.70 -20.32
CA VAL B 153 13.85 21.96 -21.41
C VAL B 153 12.50 22.44 -20.85
N VAL B 154 12.06 21.84 -19.75
CA VAL B 154 10.80 22.27 -19.16
C VAL B 154 10.94 23.69 -18.60
N THR B 155 12.06 23.95 -17.92
CA THR B 155 12.33 25.28 -17.35
C THR B 155 12.23 26.35 -18.44
N GLU B 156 12.89 26.11 -19.55
CA GLU B 156 12.89 27.04 -20.67
C GLU B 156 11.50 27.36 -21.21
N GLN B 157 10.63 26.36 -21.30
CA GLN B 157 9.33 26.65 -21.85
C GLN B 157 8.17 26.66 -20.91
N ARG B 158 8.43 26.74 -19.61
CA ARG B 158 7.35 26.73 -18.63
C ARG B 158 6.34 27.86 -18.78
N LYS B 159 6.82 29.06 -19.12
CA LYS B 159 5.94 30.20 -19.26
C LYS B 159 5.01 30.21 -20.48
N SER B 160 5.33 29.42 -21.50
CA SER B 160 4.50 29.40 -22.70
C SER B 160 3.50 28.26 -22.78
N ALA B 161 3.57 27.32 -21.85
CA ALA B 161 2.66 26.19 -21.84
C ALA B 161 1.28 26.58 -21.38
N THR B 162 0.27 25.89 -21.88
CA THR B 162 -1.10 26.21 -21.50
C THR B 162 -1.86 25.02 -20.96
N HIS B 163 -2.22 25.06 -19.69
CA HIS B 163 -2.96 23.98 -19.10
C HIS B 163 -4.42 24.24 -19.37
N PRO B 164 -5.11 23.29 -20.01
CA PRO B 164 -6.53 23.32 -20.38
C PRO B 164 -7.45 23.80 -19.28
N PHE B 165 -7.17 23.37 -18.05
CA PHE B 165 -8.02 23.71 -16.91
C PHE B 165 -7.42 24.77 -15.99
N ALA B 166 -6.36 25.44 -16.42
CA ALA B 166 -5.75 26.48 -15.58
C ALA B 166 -6.76 27.62 -15.43
N ALA B 167 -6.71 28.32 -14.31
CA ALA B 167 -7.61 29.46 -14.12
C ALA B 167 -7.25 30.45 -15.22
N ASN B 168 -6.06 30.23 -15.79
CA ASN B 168 -5.46 31.02 -16.86
C ASN B 168 -3.99 31.28 -16.48
N ALA C 1 24.36 16.44 -4.61
CA ALA C 1 24.77 17.40 -3.56
C ALA C 1 23.66 18.42 -3.37
N LYS C 2 23.38 18.73 -2.11
CA LYS C 2 22.33 19.66 -1.65
C LYS C 2 21.06 19.00 -1.21
N ILE C 3 20.54 18.09 -2.01
CA ILE C 3 19.33 17.38 -1.62
C ILE C 3 19.71 15.91 -1.70
N THR C 4 20.40 15.43 -0.68
CA THR C 4 20.88 14.06 -0.67
C THR C 4 20.04 13.10 0.15
N LYS C 5 18.93 13.57 0.70
CA LYS C 5 18.07 12.70 1.51
C LYS C 5 16.63 13.16 1.53
N VAL C 6 15.76 12.37 2.14
CA VAL C 6 14.35 12.73 2.19
C VAL C 6 14.11 13.91 3.13
N GLN C 7 13.41 14.91 2.62
CA GLN C 7 13.10 16.11 3.42
C GLN C 7 11.60 16.33 3.29
N VAL C 8 10.99 16.83 4.36
CA VAL C 8 9.55 17.04 4.44
C VAL C 8 9.24 18.53 4.61
N GLY C 9 8.28 19.04 3.82
CA GLY C 9 7.95 20.44 3.95
C GLY C 9 6.46 20.63 4.12
N GLU C 10 6.05 21.78 4.64
CA GLU C 10 4.63 22.07 4.79
C GLU C 10 4.39 23.56 4.83
N ALA C 11 3.20 23.97 4.40
CA ALA C 11 2.87 25.38 4.40
C ALA C 11 1.39 25.57 4.17
N LEU C 12 0.84 26.58 4.83
CA LEU C 12 -0.56 26.95 4.65
C LEU C 12 -0.50 28.40 4.18
N VAL C 13 -1.14 28.67 3.04
CA VAL C 13 -1.17 30.00 2.45
C VAL C 13 -2.57 30.31 1.95
N GLY C 14 -3.00 31.55 2.16
CA GLY C 14 -4.31 31.95 1.68
C GLY C 14 -5.35 32.07 2.77
N ASP C 15 -6.61 32.22 2.37
CA ASP C 15 -7.74 32.36 3.29
C ASP C 15 -9.05 32.05 2.57
N GLY C 16 -10.15 32.19 3.28
CA GLY C 16 -11.43 31.90 2.68
C GLY C 16 -11.52 30.40 2.39
N ASN C 17 -12.39 30.02 1.48
CA ASN C 17 -12.56 28.61 1.14
C ASN C 17 -11.47 28.07 0.23
N GLU C 18 -10.67 28.95 -0.36
CA GLU C 18 -9.62 28.52 -1.26
C GLU C 18 -8.27 28.32 -0.58
N VAL C 19 -8.22 28.54 0.73
CA VAL C 19 -6.97 28.40 1.46
C VAL C 19 -6.25 27.10 1.09
N ALA C 20 -4.94 27.20 0.91
CA ALA C 20 -4.15 26.05 0.53
C ALA C 20 -3.31 25.56 1.70
N HIS C 21 -3.19 24.25 1.83
CA HIS C 21 -2.33 23.65 2.84
C HIS C 21 -1.67 22.48 2.16
N ILE C 22 -0.34 22.60 2.02
CA ILE C 22 0.48 21.59 1.36
C ILE C 22 1.29 20.76 2.37
N ASP C 23 1.28 19.44 2.22
CA ASP C 23 2.08 18.49 3.02
C ASP C 23 2.97 17.95 1.89
N LEU C 24 4.29 18.09 2.01
CA LEU C 24 5.17 17.70 0.93
C LEU C 24 6.41 16.92 1.33
N ILE C 25 6.87 16.07 0.42
CA ILE C 25 8.06 15.27 0.60
C ILE C 25 8.91 15.37 -0.67
N ILE C 26 10.23 15.47 -0.52
CA ILE C 26 11.12 15.51 -1.67
C ILE C 26 12.33 14.65 -1.32
N GLY C 27 12.85 13.95 -2.31
CA GLY C 27 14.00 13.09 -2.04
C GLY C 27 14.64 12.61 -3.32
N PRO C 28 15.89 12.12 -3.25
CA PRO C 28 16.58 11.65 -4.45
C PRO C 28 16.33 10.21 -4.88
N ARG C 29 16.83 9.92 -6.07
CA ARG C 29 16.79 8.59 -6.66
C ARG C 29 17.40 7.67 -5.61
N GLY C 30 16.85 6.48 -5.43
CA GLY C 30 17.38 5.56 -4.42
C GLY C 30 16.83 5.77 -3.01
N SER C 31 16.02 6.80 -2.78
CA SER C 31 15.46 7.06 -1.45
C SER C 31 14.00 6.67 -1.36
N PRO C 32 13.44 6.69 -0.13
CA PRO C 32 12.04 6.35 0.07
C PRO C 32 11.08 7.26 -0.68
N ALA C 33 11.53 8.44 -1.12
CA ALA C 33 10.65 9.34 -1.88
C ALA C 33 10.34 8.72 -3.23
N GLU C 34 11.36 8.08 -3.81
CA GLU C 34 11.22 7.43 -5.11
C GLU C 34 10.31 6.21 -4.99
N THR C 35 10.42 5.49 -3.90
CA THR C 35 9.58 4.31 -3.67
C THR C 35 8.12 4.73 -3.49
N ALA C 36 7.89 5.74 -2.66
CA ALA C 36 6.51 6.23 -2.43
C ALA C 36 5.92 6.86 -3.70
N PHE C 37 6.79 7.48 -4.51
CA PHE C 37 6.34 8.07 -5.77
C PHE C 37 5.76 6.96 -6.64
N CYS C 38 6.53 5.87 -6.80
CA CYS C 38 6.08 4.75 -7.63
C CYS C 38 4.89 3.99 -7.03
N ASN C 39 4.92 3.73 -5.72
CA ASN C 39 3.84 3.02 -5.05
C ASN C 39 2.57 3.88 -5.06
N GLY C 40 2.76 5.20 -5.03
CA GLY C 40 1.64 6.13 -5.02
C GLY C 40 0.93 6.22 -6.35
N LEU C 41 1.70 6.34 -7.44
CA LEU C 41 1.08 6.45 -8.77
C LEU C 41 0.21 5.27 -9.18
N VAL C 42 0.64 4.06 -8.87
CA VAL C 42 -0.11 2.87 -9.27
C VAL C 42 -1.35 2.56 -8.43
N ASN C 43 -1.49 3.23 -7.30
CA ASN C 43 -2.58 2.95 -6.37
C ASN C 43 -3.67 4.02 -6.25
N ASN C 44 -4.72 3.89 -7.05
CA ASN C 44 -5.84 4.82 -7.00
C ASN C 44 -7.02 4.14 -6.34
N LYS C 45 -7.87 4.93 -5.71
CA LYS C 45 -9.05 4.42 -5.03
C LYS C 45 -10.18 5.42 -5.26
N HIS C 46 -11.41 5.01 -4.97
CA HIS C 46 -12.54 5.91 -5.16
C HIS C 46 -12.35 7.19 -4.35
N GLY C 47 -12.49 8.32 -5.04
CA GLY C 47 -12.34 9.60 -4.37
C GLY C 47 -10.90 10.07 -4.26
N PHE C 48 -9.94 9.18 -4.52
CA PHE C 48 -8.53 9.53 -4.42
C PHE C 48 -7.65 8.96 -5.52
N THR C 49 -7.43 9.75 -6.56
CA THR C 49 -6.57 9.30 -7.65
C THR C 49 -5.36 10.20 -7.62
N SER C 50 -4.17 9.62 -7.74
CA SER C 50 -2.95 10.39 -7.71
C SER C 50 -2.42 10.52 -9.13
N LEU C 51 -1.95 11.70 -9.49
CA LEU C 51 -1.43 11.91 -10.84
C LEU C 51 -0.15 12.72 -10.84
N LEU C 52 0.60 12.61 -11.94
CA LEU C 52 1.81 13.39 -12.09
C LEU C 52 1.42 14.87 -12.19
N ALA C 53 2.18 15.74 -11.55
CA ALA C 53 1.89 17.15 -11.68
C ALA C 53 2.43 17.62 -13.05
N VAL C 54 1.60 18.30 -13.81
CA VAL C 54 2.02 18.83 -15.11
C VAL C 54 1.68 20.31 -15.22
N ILE C 55 2.58 21.07 -15.84
CA ILE C 55 2.38 22.50 -16.08
C ILE C 55 1.20 22.52 -17.04
N ALA C 56 1.22 21.57 -17.98
CA ALA C 56 0.15 21.36 -18.95
C ALA C 56 0.31 19.96 -19.51
N PRO C 57 -0.76 19.39 -20.12
CA PRO C 57 -0.62 18.05 -20.67
C PRO C 57 0.55 18.12 -21.64
N ASN C 58 1.37 17.07 -21.66
CA ASN C 58 2.55 17.01 -22.49
C ASN C 58 3.70 17.89 -22.00
N LEU C 59 3.56 18.42 -20.79
CA LEU C 59 4.66 19.20 -20.22
C LEU C 59 4.66 19.03 -18.70
N PRO C 60 5.15 17.87 -18.24
CA PRO C 60 5.20 17.63 -16.79
C PRO C 60 6.33 18.48 -16.20
N CYS C 61 6.21 18.80 -14.92
CA CYS C 61 7.26 19.56 -14.29
C CYS C 61 8.35 18.56 -13.92
N LYS C 62 9.58 19.03 -13.88
CA LYS C 62 10.70 18.17 -13.52
C LYS C 62 11.43 18.97 -12.45
N PRO C 63 11.80 18.35 -11.34
CA PRO C 63 11.63 16.94 -10.97
C PRO C 63 10.23 16.34 -10.99
N ASN C 64 10.20 15.05 -11.31
CA ASN C 64 8.96 14.26 -11.33
C ASN C 64 8.18 14.50 -10.06
N THR C 65 6.92 14.85 -10.20
CA THR C 65 6.11 15.18 -9.03
C THR C 65 4.78 14.43 -9.02
N LEU C 66 4.47 13.80 -7.89
CA LEU C 66 3.21 13.09 -7.74
C LEU C 66 2.31 13.94 -6.84
N MET C 67 1.07 14.17 -7.27
CA MET C 67 0.08 14.96 -6.52
C MET C 67 -1.01 14.03 -6.02
N PHE C 68 -1.49 14.23 -4.79
CA PHE C 68 -2.57 13.44 -4.23
C PHE C 68 -3.47 14.36 -3.42
N ASN C 69 -4.78 14.09 -3.41
CA ASN C 69 -5.71 14.95 -2.68
C ASN C 69 -5.96 14.48 -1.25
N LYS C 70 -6.34 15.43 -0.38
CA LYS C 70 -6.64 15.16 1.03
C LYS C 70 -8.15 15.06 1.23
N VAL C 71 -8.89 15.89 0.50
CA VAL C 71 -10.35 15.91 0.60
C VAL C 71 -10.95 15.00 -0.48
N THR C 72 -11.87 14.14 -0.09
CA THR C 72 -12.52 13.21 -1.00
C THR C 72 -13.08 13.93 -2.21
N ILE C 73 -12.78 13.41 -3.39
CA ILE C 73 -13.26 14.01 -4.61
C ILE C 73 -14.52 13.23 -5.03
N ASN C 74 -15.66 13.90 -4.95
CA ASN C 74 -16.93 13.25 -5.28
C ASN C 74 -17.49 13.58 -6.66
N ASP C 75 -17.04 14.65 -7.27
CA ASP C 75 -17.57 15.02 -8.57
C ASP C 75 -16.53 15.67 -9.45
N ALA C 76 -16.92 15.96 -10.69
CA ALA C 76 -16.04 16.57 -11.67
C ALA C 76 -15.58 17.98 -11.27
N ARG C 77 -16.43 18.75 -10.59
CA ARG C 77 -16.02 20.09 -10.17
C ARG C 77 -14.76 20.02 -9.31
N GLN C 78 -14.80 19.13 -8.31
CA GLN C 78 -13.66 18.95 -7.41
C GLN C 78 -12.45 18.38 -8.14
N ALA C 79 -12.69 17.45 -9.06
CA ALA C 79 -11.61 16.83 -9.82
C ALA C 79 -10.86 17.88 -10.66
N VAL C 80 -11.61 18.74 -11.35
CA VAL C 80 -11.00 19.76 -12.19
C VAL C 80 -10.22 20.79 -11.37
N GLN C 81 -10.73 21.18 -10.21
CA GLN C 81 -10.02 22.12 -9.34
C GLN C 81 -8.67 21.50 -8.94
N MET C 82 -8.72 20.25 -8.47
CA MET C 82 -7.50 19.57 -8.05
C MET C 82 -6.53 19.46 -9.21
N PHE C 83 -7.03 19.00 -10.35
CA PHE C 83 -6.16 18.84 -11.50
C PHE C 83 -6.27 19.88 -12.60
N GLY C 84 -6.50 21.12 -12.17
CA GLY C 84 -6.59 22.26 -13.06
C GLY C 84 -5.81 23.37 -12.40
N PRO C 85 -6.49 24.29 -11.70
CA PRO C 85 -5.77 25.39 -11.03
C PRO C 85 -4.73 24.90 -10.00
N ALA C 86 -5.10 23.94 -9.16
CA ALA C 86 -4.13 23.45 -8.19
C ALA C 86 -2.95 22.74 -8.87
N GLN C 87 -3.23 21.89 -9.83
CA GLN C 87 -2.16 21.17 -10.50
C GLN C 87 -1.23 22.15 -11.19
N HIS C 88 -1.80 23.07 -11.97
CA HIS C 88 -0.96 24.06 -12.65
C HIS C 88 -0.13 24.84 -11.61
N GLY C 89 -0.75 25.22 -10.50
CA GLY C 89 -0.05 25.94 -9.44
C GLY C 89 1.11 25.14 -8.86
N VAL C 90 0.84 23.87 -8.51
CA VAL C 90 1.86 23.00 -7.93
C VAL C 90 3.01 22.81 -8.91
N ALA C 91 2.67 22.51 -10.16
CA ALA C 91 3.67 22.26 -11.19
C ALA C 91 4.53 23.49 -11.49
N MET C 92 3.91 24.66 -11.51
CA MET C 92 4.67 25.89 -11.77
C MET C 92 5.59 26.19 -10.60
N ALA C 93 5.11 25.87 -9.39
CA ALA C 93 5.88 26.11 -8.18
C ALA C 93 7.15 25.26 -8.25
N VAL C 94 7.00 23.99 -8.64
CA VAL C 94 8.15 23.10 -8.78
C VAL C 94 9.13 23.63 -9.83
N GLN C 95 8.62 24.01 -11.01
CA GLN C 95 9.49 24.49 -12.08
C GLN C 95 10.12 25.85 -11.75
N ASP C 96 9.38 26.73 -11.08
CA ASP C 96 9.95 28.02 -10.71
C ASP C 96 11.04 27.81 -9.66
N ALA C 97 10.87 26.80 -8.81
CA ALA C 97 11.87 26.50 -7.79
C ALA C 97 13.15 26.04 -8.45
N VAL C 98 13.01 25.35 -9.58
CA VAL C 98 14.18 24.89 -10.33
C VAL C 98 14.85 26.10 -11.00
N ALA C 99 14.03 26.91 -11.67
CA ALA C 99 14.54 28.09 -12.36
C ALA C 99 15.26 29.01 -11.38
N GLU C 100 14.71 29.16 -10.18
CA GLU C 100 15.29 30.04 -9.17
C GLU C 100 16.44 29.44 -8.38
N GLY C 101 16.80 28.19 -8.68
CA GLY C 101 17.91 27.57 -7.98
C GLY C 101 17.63 26.97 -6.62
N ILE C 102 16.36 27.05 -6.17
CA ILE C 102 15.96 26.46 -4.89
C ILE C 102 16.19 24.94 -4.98
N ILE C 103 15.83 24.38 -6.13
CA ILE C 103 16.05 22.95 -6.43
C ILE C 103 17.15 23.08 -7.49
N PRO C 104 18.40 22.68 -7.18
CA PRO C 104 19.45 22.82 -8.21
C PRO C 104 19.10 22.18 -9.53
N ALA C 105 19.34 22.92 -10.60
CA ALA C 105 19.05 22.47 -11.95
C ALA C 105 19.72 21.14 -12.28
N ASP C 106 20.93 20.94 -11.78
CA ASP C 106 21.66 19.70 -12.07
C ASP C 106 21.26 18.52 -11.18
N GLU C 107 20.18 18.69 -10.42
CA GLU C 107 19.67 17.64 -9.56
C GLU C 107 18.23 17.34 -9.94
N ALA C 108 17.63 18.28 -10.66
CA ALA C 108 16.23 18.16 -11.07
C ALA C 108 15.81 16.89 -11.82
N ASP C 109 16.74 16.25 -12.52
CA ASP C 109 16.40 15.04 -13.28
C ASP C 109 16.54 13.78 -12.43
N ASP C 110 16.92 13.93 -11.17
CA ASP C 110 17.09 12.76 -10.31
C ASP C 110 16.44 12.93 -8.95
N LEU C 111 15.37 13.71 -8.91
CA LEU C 111 14.65 13.94 -7.66
C LEU C 111 13.18 13.61 -7.86
N TYR C 112 12.49 13.36 -6.75
CA TYR C 112 11.06 13.05 -6.79
C TYR C 112 10.37 13.93 -5.74
N VAL C 113 9.19 14.46 -6.09
CA VAL C 113 8.46 15.30 -5.18
C VAL C 113 7.06 14.72 -5.01
N LEU C 114 6.59 14.68 -3.78
CA LEU C 114 5.27 14.15 -3.42
C LEU C 114 4.51 15.33 -2.79
N VAL C 115 3.36 15.67 -3.36
CA VAL C 115 2.59 16.82 -2.90
C VAL C 115 1.13 16.51 -2.53
N GLY C 116 0.80 16.64 -1.24
CA GLY C 116 -0.56 16.42 -0.78
C GLY C 116 -1.24 17.77 -0.79
N VAL C 117 -2.36 17.89 -1.48
CA VAL C 117 -3.02 19.19 -1.53
C VAL C 117 -4.42 19.24 -0.97
N PHE C 118 -4.71 20.37 -0.34
CA PHE C 118 -6.00 20.59 0.28
C PHE C 118 -6.88 21.57 -0.48
N ILE C 119 -8.10 21.16 -0.76
CA ILE C 119 -9.06 22.04 -1.42
C ILE C 119 -10.37 21.77 -0.72
N HIS C 120 -10.81 22.74 0.07
CA HIS C 120 -12.07 22.65 0.82
C HIS C 120 -13.18 22.40 -0.18
N TRP C 121 -14.20 21.65 0.21
CA TRP C 121 -15.28 21.37 -0.75
C TRP C 121 -16.08 22.61 -1.13
N GLU C 122 -15.85 23.72 -0.43
CA GLU C 122 -16.56 24.95 -0.76
C GLU C 122 -15.70 25.93 -1.55
N ALA C 123 -14.50 25.51 -1.95
CA ALA C 123 -13.60 26.35 -2.73
C ALA C 123 -14.32 26.66 -4.04
N ALA C 124 -14.18 27.89 -4.52
CA ALA C 124 -14.86 28.30 -5.75
C ALA C 124 -14.02 29.14 -6.71
N ASP C 125 -13.15 30.00 -6.18
CA ASP C 125 -12.34 30.86 -7.02
C ASP C 125 -11.05 30.19 -7.54
N ASP C 126 -11.09 29.75 -8.79
CA ASP C 126 -9.95 29.09 -9.42
C ASP C 126 -8.66 29.87 -9.30
N ALA C 127 -8.74 31.18 -9.50
CA ALA C 127 -7.56 32.04 -9.44
C ALA C 127 -6.86 31.92 -8.09
N LYS C 128 -7.65 31.93 -7.02
CA LYS C 128 -7.09 31.81 -5.68
C LYS C 128 -6.56 30.41 -5.41
N ILE C 129 -7.29 29.39 -5.86
CA ILE C 129 -6.87 28.00 -5.67
C ILE C 129 -5.47 27.87 -6.28
N GLN C 130 -5.34 28.35 -7.52
CA GLN C 130 -4.09 28.29 -8.24
C GLN C 130 -2.97 29.08 -7.58
N LYS C 131 -3.28 30.31 -7.16
CA LYS C 131 -2.27 31.16 -6.53
C LYS C 131 -1.84 30.69 -5.15
N TYR C 132 -2.80 30.34 -4.31
CA TYR C 132 -2.47 29.86 -2.97
C TYR C 132 -1.68 28.54 -3.00
N ASN C 133 -2.04 27.65 -3.91
CA ASN C 133 -1.34 26.37 -3.99
C ASN C 133 0.05 26.55 -4.57
N TYR C 134 0.18 27.53 -5.47
CA TYR C 134 1.48 27.81 -6.04
C TYR C 134 2.35 28.32 -4.90
N GLU C 135 1.84 29.27 -4.14
CA GLU C 135 2.60 29.84 -3.04
C GLU C 135 2.88 28.80 -1.93
N ALA C 136 1.85 28.05 -1.53
CA ALA C 136 2.07 27.05 -0.48
C ALA C 136 3.08 25.98 -0.91
N THR C 137 3.01 25.56 -2.16
CA THR C 137 3.92 24.54 -2.66
C THR C 137 5.34 25.09 -2.72
N LYS C 138 5.48 26.33 -3.18
CA LYS C 138 6.82 26.92 -3.27
C LYS C 138 7.44 27.06 -1.89
N LEU C 139 6.64 27.49 -0.93
CA LEU C 139 7.10 27.65 0.45
C LEU C 139 7.52 26.28 1.02
N SER C 140 6.70 25.26 0.76
CA SER C 140 6.99 23.91 1.26
C SER C 140 8.28 23.37 0.70
N ILE C 141 8.52 23.62 -0.59
CA ILE C 141 9.76 23.17 -1.21
C ILE C 141 10.96 23.89 -0.60
N GLN C 142 10.86 25.21 -0.46
CA GLN C 142 11.95 26.02 0.11
C GLN C 142 12.29 25.49 1.49
N ARG C 143 11.25 25.23 2.27
CA ARG C 143 11.44 24.72 3.63
C ARG C 143 12.03 23.33 3.62
N ALA C 144 11.44 22.43 2.84
CA ALA C 144 11.95 21.07 2.81
C ALA C 144 13.41 21.01 2.38
N VAL C 145 13.74 21.77 1.35
CA VAL C 145 15.09 21.77 0.85
C VAL C 145 16.12 22.21 1.86
N ASN C 146 15.70 22.99 2.86
CA ASN C 146 16.64 23.43 3.88
C ASN C 146 16.42 22.67 5.19
N GLY C 147 15.60 21.63 5.14
CA GLY C 147 15.32 20.85 6.34
C GLY C 147 14.66 21.73 7.39
N GLU C 148 13.90 22.73 6.95
CA GLU C 148 13.23 23.64 7.89
C GLU C 148 11.74 23.38 8.05
N PRO C 149 11.18 23.72 9.22
CA PRO C 149 11.91 24.30 10.36
C PRO C 149 12.73 23.27 11.13
N LYS C 150 13.93 23.65 11.53
CA LYS C 150 14.80 22.76 12.28
C LYS C 150 14.10 22.47 13.60
N ALA C 151 14.37 21.29 14.15
CA ALA C 151 13.77 20.87 15.41
C ALA C 151 14.04 21.89 16.52
N SER C 152 15.28 22.37 16.62
CA SER C 152 15.61 23.34 17.67
C SER C 152 14.74 24.58 17.55
N VAL C 153 14.45 24.99 16.32
CA VAL C 153 13.59 26.17 16.10
C VAL C 153 12.14 25.90 16.51
N VAL C 154 11.63 24.70 16.22
CA VAL C 154 10.26 24.39 16.59
C VAL C 154 10.15 24.31 18.11
N THR C 155 11.15 23.70 18.74
CA THR C 155 11.16 23.57 20.19
C THR C 155 11.11 24.93 20.86
N GLU C 156 11.92 25.87 20.38
CA GLU C 156 11.96 27.22 20.91
C GLU C 156 10.62 27.94 20.83
N GLN C 157 9.88 27.77 19.75
CA GLN C 157 8.63 28.51 19.65
C GLN C 157 7.35 27.70 19.75
N ARG C 158 7.43 26.49 20.28
CA ARG C 158 6.24 25.65 20.40
C ARG C 158 5.14 26.24 21.25
N LYS C 159 5.52 26.90 22.33
CA LYS C 159 4.55 27.49 23.24
C LYS C 159 3.79 28.71 22.76
N SER C 160 4.30 29.39 21.74
CA SER C 160 3.63 30.59 21.23
C SER C 160 2.81 30.37 19.96
N ALA C 161 2.88 29.18 19.38
CA ALA C 161 2.13 28.88 18.17
C ALA C 161 0.67 28.68 18.47
N THR C 162 -0.20 29.03 17.51
CA THR C 162 -1.63 28.90 17.72
C THR C 162 -2.33 28.07 16.64
N HIS C 163 -2.81 26.89 17.00
CA HIS C 163 -3.51 26.04 16.06
C HIS C 163 -4.95 26.50 16.07
N PRO C 164 -5.48 26.91 14.91
CA PRO C 164 -6.86 27.38 14.83
C PRO C 164 -7.95 26.44 15.34
N PHE C 165 -7.71 25.12 15.28
CA PHE C 165 -8.72 24.17 15.71
C PHE C 165 -8.44 23.52 17.05
N ALA C 166 -7.35 23.93 17.69
CA ALA C 166 -6.98 23.38 18.99
C ALA C 166 -8.11 23.70 19.98
N ALA C 167 -8.24 22.90 21.01
CA ALA C 167 -9.27 23.16 22.02
C ALA C 167 -8.73 24.35 22.81
N ASN C 168 -7.57 24.12 23.40
CA ASN C 168 -6.86 25.11 24.20
C ASN C 168 -5.83 25.81 23.30
N ALA D 1 22.72 8.00 17.49
CA ALA D 1 22.84 7.09 18.68
C ALA D 1 21.58 7.28 19.47
N LYS D 2 21.17 6.26 20.20
CA LYS D 2 19.92 6.31 21.00
C LYS D 2 18.72 5.66 20.30
N ILE D 3 18.20 6.29 19.25
CA ILE D 3 17.07 5.67 18.55
C ILE D 3 17.63 5.23 17.21
N THR D 4 18.22 4.05 17.21
CA THR D 4 18.89 3.49 16.05
C THR D 4 18.13 2.48 15.23
N LYS D 5 16.92 2.14 15.67
CA LYS D 5 16.11 1.18 14.97
C LYS D 5 14.63 1.46 15.22
N VAL D 6 13.76 0.71 14.56
CA VAL D 6 12.32 0.91 14.73
C VAL D 6 11.84 0.45 16.09
N GLN D 7 11.05 1.28 16.76
CA GLN D 7 10.51 0.93 18.07
C GLN D 7 9.04 1.25 18.01
N VAL D 8 8.24 0.47 18.72
CA VAL D 8 6.79 0.61 18.72
C VAL D 8 6.31 0.98 20.11
N GLY D 9 5.40 1.95 20.20
CA GLY D 9 4.88 2.33 21.50
C GLY D 9 3.36 2.31 21.51
N GLU D 10 2.77 2.21 22.69
CA GLU D 10 1.31 2.26 22.79
C GLU D 10 0.86 2.72 24.16
N ALA D 11 -0.30 3.36 24.22
CA ALA D 11 -0.81 3.80 25.50
C ALA D 11 -2.26 4.24 25.40
N LEU D 12 -3.00 3.96 26.45
CA LEU D 12 -4.40 4.37 26.54
C LEU D 12 -4.44 5.32 27.76
N VAL D 13 -4.94 6.52 27.55
CA VAL D 13 -5.05 7.48 28.63
C VAL D 13 -6.41 8.16 28.54
N GLY D 14 -7.04 8.38 29.70
CA GLY D 14 -8.32 9.05 29.73
C GLY D 14 -9.50 8.16 30.06
N ASP D 15 -10.70 8.68 29.84
CA ASP D 15 -11.94 7.95 30.12
C ASP D 15 -13.12 8.62 29.40
N GLY D 16 -14.31 8.07 29.59
CA GLY D 16 -15.47 8.63 28.94
C GLY D 16 -15.33 8.46 27.44
N ASN D 17 -16.06 9.26 26.67
CA ASN D 17 -16.01 9.15 25.22
C ASN D 17 -14.76 9.76 24.60
N GLU D 18 -14.00 10.54 25.38
CA GLU D 18 -12.80 11.17 24.84
C GLU D 18 -11.53 10.35 25.06
N VAL D 19 -11.65 9.19 25.69
CA VAL D 19 -10.49 8.36 25.95
C VAL D 19 -9.57 8.24 24.73
N ALA D 20 -8.27 8.36 24.96
CA ALA D 20 -7.30 8.27 23.90
C ALA D 20 -6.56 6.94 23.94
N HIS D 21 -6.27 6.40 22.76
CA HIS D 21 -5.49 5.17 22.67
C HIS D 21 -4.62 5.40 21.46
N ILE D 22 -3.31 5.41 21.70
CA ILE D 22 -2.32 5.65 20.69
C ILE D 22 -1.51 4.38 20.35
N ASP D 23 -1.36 4.11 19.06
CA ASP D 23 -0.55 3.00 18.52
C ASP D 23 0.52 3.81 17.79
N LEU D 24 1.77 3.65 18.19
CA LEU D 24 2.83 4.46 17.62
C LEU D 24 4.11 3.74 17.16
N ILE D 25 4.75 4.31 16.14
CA ILE D 25 6.02 3.77 15.63
C ILE D 25 6.99 4.95 15.49
N ILE D 26 8.25 4.72 15.84
CA ILE D 26 9.25 5.76 15.66
C ILE D 26 10.49 5.04 15.12
N GLY D 27 11.23 5.70 14.23
CA GLY D 27 12.41 5.07 13.67
C GLY D 27 13.26 6.08 12.94
N PRO D 28 14.54 5.78 12.70
CA PRO D 28 15.44 6.70 12.01
C PRO D 28 15.42 6.64 10.50
N ARG D 29 16.10 7.61 9.92
CA ARG D 29 16.27 7.77 8.49
C ARG D 29 16.86 6.43 8.05
N GLY D 30 16.41 5.90 6.91
CA GLY D 30 16.90 4.64 6.40
C GLY D 30 16.21 3.40 6.96
N SER D 31 15.24 3.58 7.86
CA SER D 31 14.51 2.46 8.46
C SER D 31 13.10 2.37 7.90
N PRO D 32 12.40 1.25 8.19
CA PRO D 32 11.03 1.09 7.70
C PRO D 32 10.09 2.17 8.21
N ALA D 33 10.49 2.91 9.25
CA ALA D 33 9.62 3.98 9.77
C ALA D 33 9.54 5.09 8.73
N GLU D 34 10.68 5.34 8.07
CA GLU D 34 10.76 6.38 7.02
C GLU D 34 9.97 5.95 5.78
N THR D 35 10.05 4.67 5.44
CA THR D 35 9.33 4.14 4.30
C THR D 35 7.82 4.24 4.52
N ALA D 36 7.36 3.79 5.68
CA ALA D 36 5.93 3.82 6.01
C ALA D 36 5.41 5.28 6.13
N PHE D 37 6.28 6.17 6.58
CA PHE D 37 5.94 7.57 6.68
C PHE D 37 5.60 8.10 5.27
N CYS D 38 6.49 7.83 4.31
CA CYS D 38 6.30 8.29 2.93
C CYS D 38 5.13 7.59 2.23
N ASN D 39 5.05 6.27 2.38
CA ASN D 39 3.98 5.48 1.76
C ASN D 39 2.63 5.86 2.37
N GLY D 40 2.66 6.21 3.67
CA GLY D 40 1.45 6.62 4.35
C GLY D 40 0.91 7.97 3.93
N LEU D 41 1.76 9.00 3.84
CA LEU D 41 1.29 10.34 3.46
C LEU D 41 0.63 10.39 2.08
N VAL D 42 1.19 9.70 1.10
CA VAL D 42 0.65 9.73 -0.26
C VAL D 42 -0.64 8.97 -0.50
N ASN D 43 -1.00 8.09 0.44
CA ASN D 43 -2.17 7.22 0.29
C ASN D 43 -3.37 7.53 1.17
N ASN D 44 -4.30 8.31 0.64
CA ASN D 44 -5.51 8.67 1.37
C ASN D 44 -6.70 7.92 0.77
N LYS D 45 -7.70 7.65 1.61
CA LYS D 45 -8.88 6.93 1.19
C LYS D 45 -10.10 7.59 1.84
N HIS D 46 -11.29 7.26 1.37
CA HIS D 46 -12.49 7.84 1.95
C HIS D 46 -12.54 7.47 3.44
N GLY D 47 -12.72 8.48 4.28
CA GLY D 47 -12.78 8.25 5.71
C GLY D 47 -11.43 8.17 6.41
N PHE D 48 -10.35 8.10 5.63
CA PHE D 48 -9.03 7.97 6.21
C PHE D 48 -7.98 8.75 5.46
N THR D 49 -7.69 9.95 5.93
CA THR D 49 -6.69 10.79 5.30
C THR D 49 -5.61 10.98 6.34
N SER D 50 -4.36 10.80 5.94
CA SER D 50 -3.24 10.93 6.85
C SER D 50 -2.59 12.28 6.62
N LEU D 51 -2.18 12.95 7.69
CA LEU D 51 -1.56 14.25 7.55
C LEU D 51 -0.37 14.40 8.47
N LEU D 52 0.46 15.39 8.18
CA LEU D 52 1.61 15.65 9.06
C LEU D 52 1.06 16.24 10.35
N ALA D 53 1.61 15.86 11.49
CA ALA D 53 1.15 16.46 12.73
C ALA D 53 1.81 17.84 12.83
N VAL D 54 1.01 18.88 13.10
CA VAL D 54 1.56 20.22 13.25
C VAL D 54 1.07 20.81 14.56
N ILE D 55 1.94 21.58 15.21
CA ILE D 55 1.60 22.27 16.46
C ILE D 55 0.53 23.27 16.02
N ALA D 56 0.75 23.82 14.83
CA ALA D 56 -0.16 24.77 14.19
C ALA D 56 0.25 24.87 12.72
N PRO D 57 -0.68 25.32 11.85
CA PRO D 57 -0.30 25.43 10.43
C PRO D 57 0.97 26.29 10.38
N ASN D 58 1.90 25.88 9.53
CA ASN D 58 3.19 26.55 9.37
C ASN D 58 4.14 26.29 10.52
N LEU D 59 3.80 25.34 11.38
CA LEU D 59 4.69 24.97 12.45
C LEU D 59 4.56 23.47 12.76
N PRO D 60 5.09 22.62 11.87
CA PRO D 60 5.00 21.17 12.12
C PRO D 60 5.95 20.78 13.24
N CYS D 61 5.62 19.71 13.96
CA CYS D 61 6.50 19.28 15.01
C CYS D 61 7.65 18.55 14.34
N LYS D 62 8.79 18.51 15.01
CA LYS D 62 9.95 17.80 14.48
C LYS D 62 10.42 17.01 15.69
N PRO D 63 10.74 15.71 15.50
CA PRO D 63 10.71 14.93 14.26
C PRO D 63 9.42 14.89 13.46
N ASN D 64 9.57 14.78 12.14
CA ASN D 64 8.45 14.67 11.22
C ASN D 64 7.48 13.62 11.71
N THR D 65 6.21 13.97 11.81
CA THR D 65 5.25 13.02 12.34
C THR D 65 4.05 12.84 11.43
N LEU D 66 3.67 11.58 11.16
CA LEU D 66 2.50 11.31 10.33
C LEU D 66 1.39 10.84 11.28
N MET D 67 0.19 11.40 11.14
CA MET D 67 -0.96 11.01 11.96
C MET D 67 -1.98 10.34 11.06
N PHE D 68 -2.61 9.28 11.56
CA PHE D 68 -3.66 8.56 10.84
C PHE D 68 -4.76 8.14 11.83
N ASN D 69 -6.00 8.18 11.38
CA ASN D 69 -7.12 7.83 12.28
C ASN D 69 -7.50 6.36 12.21
N LYS D 70 -8.08 5.88 13.30
CA LYS D 70 -8.52 4.49 13.40
C LYS D 70 -10.03 4.41 13.14
N VAL D 71 -10.75 5.42 13.61
CA VAL D 71 -12.20 5.45 13.43
C VAL D 71 -12.55 6.20 12.16
N THR D 72 -13.43 5.62 11.35
CA THR D 72 -13.83 6.24 10.09
C THR D 72 -14.33 7.66 10.32
N ILE D 73 -13.81 8.59 9.52
CA ILE D 73 -14.22 9.98 9.62
C ILE D 73 -15.30 10.22 8.57
N ASN D 74 -16.52 10.44 9.04
CA ASN D 74 -17.66 10.64 8.17
C ASN D 74 -18.12 12.07 7.97
N ASP D 75 -17.71 12.96 8.86
CA ASP D 75 -18.13 14.35 8.72
C ASP D 75 -17.07 15.33 9.21
N ALA D 76 -17.37 16.61 9.05
CA ALA D 76 -16.45 17.66 9.45
C ALA D 76 -16.18 17.67 10.97
N ARG D 77 -17.20 17.39 11.77
CA ARG D 77 -17.01 17.38 13.22
C ARG D 77 -15.86 16.43 13.61
N GLN D 78 -15.92 15.20 13.08
CA GLN D 78 -14.89 14.21 13.36
C GLN D 78 -13.54 14.64 12.80
N ALA D 79 -13.55 15.18 11.59
CA ALA D 79 -12.32 15.62 10.95
C ALA D 79 -11.61 16.72 11.76
N VAL D 80 -12.37 17.67 12.29
CA VAL D 80 -11.76 18.75 13.06
C VAL D 80 -11.24 18.28 14.39
N GLN D 81 -11.92 17.32 15.02
CA GLN D 81 -11.44 16.79 16.28
C GLN D 81 -10.09 16.11 16.04
N MET D 82 -10.01 15.27 15.00
CA MET D 82 -8.79 14.54 14.67
C MET D 82 -7.68 15.53 14.35
N PHE D 83 -7.99 16.50 13.50
CA PHE D 83 -6.96 17.46 13.13
C PHE D 83 -7.07 18.84 13.75
N GLY D 84 -7.48 18.84 15.02
CA GLY D 84 -7.61 20.05 15.81
C GLY D 84 -7.07 19.71 17.19
N PRO D 85 -7.95 19.39 18.15
CA PRO D 85 -7.45 19.04 19.49
C PRO D 85 -6.48 17.87 19.50
N ALA D 86 -6.83 16.78 18.81
CA ALA D 86 -5.92 15.64 18.79
C ALA D 86 -4.60 15.97 18.11
N GLN D 87 -4.66 16.60 16.94
CA GLN D 87 -3.43 16.94 16.23
C GLN D 87 -2.53 17.83 17.08
N HIS D 88 -3.11 18.88 17.66
CA HIS D 88 -2.33 19.78 18.49
C HIS D 88 -1.75 18.99 19.67
N GLY D 89 -2.55 18.12 20.28
CA GLY D 89 -2.05 17.32 21.39
C GLY D 89 -0.88 16.41 20.98
N VAL D 90 -1.04 15.70 19.85
CA VAL D 90 -0.01 14.80 19.35
C VAL D 90 1.28 15.57 19.05
N ALA D 91 1.13 16.66 18.32
CA ALA D 91 2.26 17.47 17.94
C ALA D 91 3.01 18.05 19.15
N MET D 92 2.26 18.58 20.12
CA MET D 92 2.90 19.13 21.32
C MET D 92 3.62 18.05 22.11
N ALA D 93 3.04 16.84 22.12
CA ALA D 93 3.65 15.72 22.84
C ALA D 93 5.01 15.40 22.22
N VAL D 94 5.06 15.41 20.89
CA VAL D 94 6.31 15.13 20.20
C VAL D 94 7.32 16.23 20.52
N GLN D 95 6.91 17.50 20.40
CA GLN D 95 7.82 18.60 20.67
C GLN D 95 8.25 18.69 22.13
N ASP D 96 7.33 18.38 23.05
CA ASP D 96 7.70 18.40 24.46
C ASP D 96 8.68 17.26 24.76
N ALA D 97 8.53 16.14 24.06
CA ALA D 97 9.42 15.00 24.25
C ALA D 97 10.84 15.39 23.81
N VAL D 98 10.93 16.20 22.77
CA VAL D 98 12.22 16.68 22.29
C VAL D 98 12.80 17.68 23.32
N ALA D 99 11.97 18.61 23.75
CA ALA D 99 12.39 19.60 24.73
C ALA D 99 12.89 18.92 26.00
N GLU D 100 12.18 17.89 26.44
CA GLU D 100 12.56 17.16 27.65
C GLU D 100 13.69 16.15 27.46
N GLY D 101 14.21 16.01 26.25
CA GLY D 101 15.29 15.07 26.01
C GLY D 101 14.92 13.60 25.84
N ILE D 102 13.62 13.31 25.85
CA ILE D 102 13.15 11.94 25.68
C ILE D 102 13.55 11.52 24.27
N ILE D 103 13.41 12.45 23.34
CA ILE D 103 13.82 12.26 21.95
C ILE D 103 15.00 13.21 21.88
N PRO D 104 16.23 12.69 21.84
CA PRO D 104 17.38 13.60 21.80
C PRO D 104 17.25 14.68 20.73
N ALA D 105 17.56 15.90 21.13
CA ALA D 105 17.49 17.05 20.25
C ALA D 105 18.36 16.89 19.02
N ASP D 106 19.50 16.24 19.17
CA ASP D 106 20.40 16.07 18.04
C ASP D 106 20.03 14.88 17.13
N GLU D 107 18.86 14.31 17.35
CA GLU D 107 18.37 13.18 16.54
C GLU D 107 17.03 13.56 15.93
N ALA D 108 16.42 14.60 16.48
CA ALA D 108 15.11 15.06 16.05
C ALA D 108 14.92 15.38 14.56
N ASP D 109 15.98 15.82 13.89
CA ASP D 109 15.89 16.15 12.46
C ASP D 109 16.09 14.93 11.55
N ASP D 110 16.32 13.77 12.14
CA ASP D 110 16.52 12.57 11.35
C ASP D 110 15.68 11.38 11.81
N LEU D 111 14.52 11.68 12.40
CA LEU D 111 13.64 10.63 12.89
C LEU D 111 12.25 10.82 12.30
N TYR D 112 11.47 9.75 12.30
CA TYR D 112 10.10 9.80 11.78
C TYR D 112 9.19 9.15 12.84
N VAL D 113 8.03 9.73 13.05
CA VAL D 113 7.08 9.21 14.00
C VAL D 113 5.77 8.95 13.28
N LEU D 114 5.16 7.80 13.56
CA LEU D 114 3.88 7.42 12.95
C LEU D 114 2.90 7.25 14.11
N VAL D 115 1.79 8.00 14.07
CA VAL D 115 0.84 7.96 15.18
C VAL D 115 -0.60 7.66 14.77
N GLY D 116 -1.10 6.52 15.28
CA GLY D 116 -2.47 6.10 15.03
C GLY D 116 -3.29 6.61 16.20
N VAL D 117 -4.32 7.37 15.90
CA VAL D 117 -5.15 8.02 16.91
C VAL D 117 -6.59 7.52 16.95
N PHE D 118 -7.09 7.32 18.15
CA PHE D 118 -8.45 6.85 18.38
C PHE D 118 -9.34 7.97 18.96
N ILE D 119 -10.48 8.20 18.33
CA ILE D 119 -11.44 9.21 18.79
C ILE D 119 -12.78 8.56 18.56
N HIS D 120 -13.41 8.16 19.65
CA HIS D 120 -14.72 7.52 19.57
C HIS D 120 -15.67 8.48 18.89
N TRP D 121 -16.62 7.95 18.12
CA TRP D 121 -17.55 8.83 17.42
C TRP D 121 -18.45 9.66 18.35
N GLU D 122 -18.43 9.36 19.64
CA GLU D 122 -19.23 10.12 20.59
C GLU D 122 -18.41 11.10 21.39
N ALA D 123 -17.13 11.23 21.05
CA ALA D 123 -16.25 12.16 21.73
C ALA D 123 -16.85 13.54 21.53
N ALA D 124 -16.75 14.39 22.56
CA ALA D 124 -17.34 15.72 22.46
C ALA D 124 -16.53 16.83 23.09
N ASP D 125 -15.84 16.54 24.19
CA ASP D 125 -15.04 17.56 24.87
C ASP D 125 -13.64 17.72 24.27
N ASP D 126 -13.47 18.80 23.49
CA ASP D 126 -12.19 19.07 22.85
C ASP D 126 -11.03 19.13 23.80
N ALA D 127 -11.24 19.75 24.96
CA ALA D 127 -10.18 19.87 25.95
C ALA D 127 -9.65 18.51 26.37
N LYS D 128 -10.58 17.55 26.53
CA LYS D 128 -10.19 16.20 26.94
C LYS D 128 -9.50 15.45 25.81
N ILE D 129 -10.03 15.58 24.60
CA ILE D 129 -9.45 14.92 23.43
C ILE D 129 -7.99 15.38 23.32
N GLN D 130 -7.81 16.69 23.39
CA GLN D 130 -6.48 17.27 23.32
C GLN D 130 -5.56 16.80 24.45
N LYS D 131 -6.06 16.81 25.69
CA LYS D 131 -5.24 16.40 26.82
C LYS D 131 -4.90 14.91 26.85
N TYR D 132 -5.92 14.09 26.63
CA TYR D 132 -5.70 12.65 26.65
C TYR D 132 -4.75 12.21 25.55
N ASN D 133 -4.93 12.76 24.35
CA ASN D 133 -4.05 12.39 23.27
C ASN D 133 -2.64 12.87 23.49
N TYR D 134 -2.50 14.03 24.12
CA TYR D 134 -1.19 14.56 24.41
C TYR D 134 -0.53 13.59 25.36
N GLU D 135 -1.26 13.23 26.41
N GLU D 135 -1.25 13.23 26.42
CA GLU D 135 -0.78 12.32 27.44
CA GLU D 135 -0.71 12.32 27.42
C GLU D 135 -0.46 10.92 26.91
C GLU D 135 -0.41 10.94 26.84
N ALA D 136 -1.36 10.38 26.10
CA ALA D 136 -1.15 9.05 25.52
C ALA D 136 0.02 9.03 24.52
N THR D 137 0.13 10.08 23.73
CA THR D 137 1.20 10.14 22.74
C THR D 137 2.54 10.26 23.47
N LYS D 138 2.59 11.08 24.52
CA LYS D 138 3.83 11.26 25.25
C LYS D 138 4.26 9.97 25.91
N LEU D 139 3.29 9.25 26.46
CA LEU D 139 3.57 7.98 27.11
C LEU D 139 4.10 6.96 26.07
N SER D 140 3.45 6.91 24.91
CA SER D 140 3.85 5.98 23.85
C SER D 140 5.27 6.25 23.38
N ILE D 141 5.63 7.53 23.25
CA ILE D 141 6.97 7.90 22.81
C ILE D 141 8.00 7.43 23.84
N GLN D 142 7.74 7.76 25.11
CA GLN D 142 8.64 7.38 26.20
C GLN D 142 8.82 5.86 26.21
N ARG D 143 7.74 5.12 26.01
CA ARG D 143 7.85 3.66 25.99
C ARG D 143 8.61 3.19 24.77
N ALA D 144 8.24 3.69 23.61
CA ALA D 144 8.89 3.27 22.39
C ALA D 144 10.40 3.56 22.42
N VAL D 145 10.75 4.75 22.87
CA VAL D 145 12.16 5.10 22.88
C VAL D 145 13.01 4.15 23.74
N ASN D 146 12.40 3.55 24.77
CA ASN D 146 13.13 2.60 25.62
C ASN D 146 12.83 1.14 25.24
N GLY D 147 12.10 0.92 24.15
CA GLY D 147 11.75 -0.43 23.73
C GLY D 147 10.88 -1.11 24.77
N GLU D 148 10.08 -0.33 25.47
CA GLU D 148 9.22 -0.85 26.51
C GLU D 148 7.76 -0.96 26.10
N PRO D 149 7.03 -1.90 26.70
CA PRO D 149 7.56 -2.82 27.70
C PRO D 149 8.40 -3.93 27.08
N LYS D 150 9.49 -4.29 27.73
CA LYS D 150 10.35 -5.38 27.25
C LYS D 150 9.54 -6.68 27.27
N ALA D 151 9.90 -7.61 26.39
CA ALA D 151 9.20 -8.89 26.32
C ALA D 151 9.21 -9.63 27.65
N SER D 152 10.36 -9.65 28.34
CA SER D 152 10.40 -10.34 29.62
C SER D 152 9.41 -9.74 30.61
N VAL D 153 9.23 -8.42 30.55
CA VAL D 153 8.30 -7.75 31.46
C VAL D 153 6.85 -8.12 31.11
N VAL D 154 6.53 -8.19 29.82
CA VAL D 154 5.17 -8.54 29.44
C VAL D 154 4.87 -9.98 29.81
N THR D 155 5.86 -10.85 29.60
CA THR D 155 5.71 -12.26 29.90
C THR D 155 5.38 -12.45 31.37
N GLU D 156 6.14 -11.74 32.23
CA GLU D 156 5.94 -11.83 33.68
C GLU D 156 4.57 -11.40 34.14
N GLN D 157 4.00 -10.37 33.52
CA GLN D 157 2.70 -9.95 33.98
C GLN D 157 1.51 -10.20 33.08
N ARG D 158 1.64 -11.10 32.11
CA ARG D 158 0.55 -11.41 31.19
C ARG D 158 -0.70 -11.94 31.86
N LYS D 159 -0.52 -12.79 32.86
CA LYS D 159 -1.66 -13.39 33.56
C LYS D 159 -2.49 -12.46 34.44
N SER D 160 -1.93 -11.31 34.82
CA SER D 160 -2.66 -10.40 35.68
C SER D 160 -3.30 -9.21 34.95
N ALA D 161 -3.03 -9.08 33.66
CA ALA D 161 -3.59 -7.97 32.90
C ALA D 161 -5.05 -8.19 32.60
N THR D 162 -5.82 -7.12 32.51
CA THR D 162 -7.24 -7.23 32.24
C THR D 162 -7.68 -6.43 31.03
N HIS D 163 -8.08 -7.12 29.97
CA HIS D 163 -8.54 -6.47 28.74
C HIS D 163 -10.02 -6.14 28.91
N PRO D 164 -10.39 -4.88 28.68
CA PRO D 164 -11.74 -4.30 28.77
C PRO D 164 -12.79 -5.02 27.95
N PHE D 165 -12.38 -5.71 26.88
CA PHE D 165 -13.35 -6.41 26.03
C PHE D 165 -13.09 -7.91 25.87
N ALA D 166 -12.22 -8.48 26.69
CA ALA D 166 -11.94 -9.91 26.60
C ALA D 166 -13.13 -10.70 27.13
N ALA D 167 -13.11 -12.01 26.95
CA ALA D 167 -14.19 -12.82 27.48
C ALA D 167 -13.90 -12.89 28.98
N ASN D 168 -12.63 -13.14 29.29
CA ASN D 168 -12.15 -13.23 30.67
C ASN D 168 -10.64 -12.96 30.68
N ALA D 169 -9.98 -13.28 31.80
CA ALA D 169 -8.54 -13.07 31.95
C ALA D 169 -8.20 -11.58 32.03
N ALA E 1 20.80 -16.66 16.46
CA ALA E 1 19.31 -16.56 16.54
C ALA E 1 18.70 -17.68 15.70
N LYS E 2 17.46 -18.03 16.04
CA LYS E 2 16.77 -19.09 15.35
C LYS E 2 15.92 -18.59 14.16
N ILE E 3 15.15 -17.52 14.39
CA ILE E 3 14.29 -16.99 13.34
C ILE E 3 14.98 -15.85 12.61
N THR E 4 15.83 -16.20 11.65
CA THR E 4 16.58 -15.20 10.91
C THR E 4 15.94 -14.78 9.60
N LYS E 5 14.80 -15.37 9.26
CA LYS E 5 14.15 -15.01 7.99
C LYS E 5 12.65 -15.07 8.15
N VAL E 6 11.93 -14.53 7.18
CA VAL E 6 10.48 -14.50 7.20
C VAL E 6 9.91 -15.90 7.10
N GLN E 7 8.95 -16.22 7.95
CA GLN E 7 8.32 -17.53 7.91
C GLN E 7 6.82 -17.27 7.95
N VAL E 8 6.04 -18.16 7.34
CA VAL E 8 4.59 -18.02 7.24
C VAL E 8 3.91 -19.16 7.96
N GLY E 9 2.88 -18.86 8.77
CA GLY E 9 2.19 -19.92 9.46
C GLY E 9 0.70 -19.85 9.20
N GLU E 10 -0.02 -20.95 9.40
CA GLU E 10 -1.46 -20.93 9.17
C GLU E 10 -2.11 -22.01 10.01
N ALA E 11 -3.36 -21.81 10.40
CA ALA E 11 -4.06 -22.82 11.19
C ALA E 11 -5.52 -22.48 11.32
N LEU E 12 -6.34 -23.52 11.27
CA LEU E 12 -7.78 -23.37 11.47
C LEU E 12 -8.09 -24.19 12.72
N VAL E 13 -8.75 -23.57 13.70
CA VAL E 13 -9.10 -24.25 14.94
C VAL E 13 -10.52 -23.89 15.33
N GLY E 14 -11.28 -24.87 15.83
CA GLY E 14 -12.63 -24.58 16.27
C GLY E 14 -13.70 -25.07 15.32
N ASP E 15 -14.94 -24.66 15.57
CA ASP E 15 -16.09 -25.05 14.75
C ASP E 15 -17.23 -24.08 15.01
N GLY E 16 -18.37 -24.33 14.37
CA GLY E 16 -19.49 -23.42 14.56
C GLY E 16 -19.18 -22.06 13.95
N ASN E 17 -19.91 -21.04 14.35
CA ASN E 17 -19.69 -19.72 13.79
C ASN E 17 -18.47 -19.00 14.34
N GLU E 18 -17.92 -19.52 15.44
CA GLU E 18 -16.74 -18.90 16.05
C GLU E 18 -15.42 -19.50 15.56
N VAL E 19 -15.48 -20.43 14.61
CA VAL E 19 -14.25 -21.05 14.11
C VAL E 19 -13.17 -20.00 13.78
N ALA E 20 -11.94 -20.29 14.13
CA ALA E 20 -10.86 -19.37 13.87
C ALA E 20 -9.96 -19.89 12.74
N HIS E 21 -9.46 -18.96 11.95
CA HIS E 21 -8.52 -19.29 10.88
C HIS E 21 -7.54 -18.17 10.85
N ILE E 22 -6.30 -18.50 11.14
CA ILE E 22 -5.22 -17.51 11.19
C ILE E 22 -4.25 -17.69 10.02
N ASP E 23 -3.88 -16.57 9.39
CA ASP E 23 -2.89 -16.52 8.30
C ASP E 23 -1.89 -15.62 9.01
N LEU E 24 -0.65 -16.11 9.13
CA LEU E 24 0.35 -15.39 9.90
C LEU E 24 1.75 -15.31 9.29
N ILE E 25 2.40 -14.18 9.55
CA ILE E 25 3.77 -13.99 9.11
C ILE E 25 4.63 -13.56 10.31
N ILE E 26 5.85 -14.07 10.41
CA ILE E 26 6.73 -13.65 11.49
C ILE E 26 8.12 -13.46 10.87
N GLY E 27 8.85 -12.46 11.34
CA GLY E 27 10.18 -12.22 10.79
C GLY E 27 10.94 -11.22 11.62
N PRO E 28 12.28 -11.21 11.50
CA PRO E 28 13.14 -10.32 12.25
C PRO E 28 13.27 -8.91 11.71
N ARG E 29 13.89 -8.08 12.54
CA ARG E 29 14.20 -6.71 12.24
C ARG E 29 14.99 -6.78 10.93
N GLY E 30 14.78 -5.81 10.05
CA GLY E 30 15.48 -5.81 8.77
C GLY E 30 14.86 -6.66 7.69
N SER E 31 13.80 -7.41 8.00
CA SER E 31 13.15 -8.25 6.99
C SER E 31 11.84 -7.66 6.49
N PRO E 32 11.26 -8.28 5.45
CA PRO E 32 10.00 -7.77 4.92
C PRO E 32 8.85 -7.83 5.94
N ALA E 33 9.01 -8.63 7.00
CA ALA E 33 7.97 -8.66 8.04
C ALA E 33 7.91 -7.30 8.73
N GLU E 34 9.07 -6.68 8.96
CA GLU E 34 9.13 -5.39 9.62
C GLU E 34 8.56 -4.28 8.75
N THR E 35 8.81 -4.39 7.44
CA THR E 35 8.32 -3.42 6.49
C THR E 35 6.79 -3.48 6.41
N ALA E 36 6.26 -4.69 6.26
CA ALA E 36 4.81 -4.87 6.18
C ALA E 36 4.13 -4.50 7.50
N PHE E 37 4.81 -4.72 8.61
CA PHE E 37 4.28 -4.33 9.92
C PHE E 37 4.04 -2.80 9.92
N CYS E 38 5.07 -2.03 9.54
CA CYS E 38 4.98 -0.57 9.50
C CYS E 38 4.00 -0.06 8.44
N ASN E 39 4.07 -0.62 7.23
CA ASN E 39 3.16 -0.22 6.14
C ASN E 39 1.73 -0.57 6.49
N GLY E 40 1.56 -1.67 7.23
CA GLY E 40 0.25 -2.11 7.62
C GLY E 40 -0.42 -1.26 8.70
N LEU E 41 0.34 -0.86 9.72
CA LEU E 41 -0.24 -0.04 10.78
C LEU E 41 -0.76 1.31 10.33
N VAL E 42 -0.03 1.98 9.43
CA VAL E 42 -0.45 3.31 8.99
C VAL E 42 -1.60 3.36 8.00
N ASN E 43 -1.95 2.22 7.42
CA ASN E 43 -2.97 2.16 6.38
C ASN E 43 -4.29 1.51 6.75
N ASN E 44 -5.22 2.35 7.20
CA ASN E 44 -6.56 1.88 7.57
C ASN E 44 -7.55 2.30 6.49
N LYS E 45 -8.60 1.50 6.31
CA LYS E 45 -9.61 1.77 5.30
C LYS E 45 -10.95 1.44 5.95
N HIS E 46 -12.03 1.85 5.30
CA HIS E 46 -13.35 1.56 5.83
C HIS E 46 -13.54 0.04 5.92
N GLY E 47 -13.93 -0.43 7.11
CA GLY E 47 -14.14 -1.85 7.34
C GLY E 47 -12.90 -2.62 7.70
N PHE E 48 -11.73 -1.98 7.57
CA PHE E 48 -10.47 -2.65 7.84
C PHE E 48 -9.44 -1.76 8.51
N THR E 49 -9.38 -1.83 9.82
CA THR E 49 -8.41 -1.03 10.55
C THR E 49 -7.50 -2.04 11.19
N SER E 50 -6.19 -1.79 11.12
CA SER E 50 -5.21 -2.71 11.69
C SER E 50 -4.70 -2.11 12.99
N LEU E 51 -4.52 -2.95 14.01
CA LEU E 51 -4.05 -2.42 15.29
C LEU E 51 -3.02 -3.33 15.89
N LEU E 52 -2.24 -2.80 16.82
CA LEU E 52 -1.26 -3.63 17.52
C LEU E 52 -2.01 -4.61 18.40
N ALA E 53 -1.54 -5.83 18.50
CA ALA E 53 -2.22 -6.77 19.37
C ALA E 53 -1.76 -6.46 20.80
N VAL E 54 -2.71 -6.37 21.72
CA VAL E 54 -2.38 -6.10 23.12
C VAL E 54 -3.08 -7.11 24.01
N ILE E 55 -2.39 -7.54 25.07
CA ILE E 55 -2.98 -8.45 26.03
C ILE E 55 -4.10 -7.61 26.68
N ALA E 56 -3.80 -6.32 26.86
CA ALA E 56 -4.74 -5.35 27.41
C ALA E 56 -4.18 -3.96 27.10
N PRO E 57 -5.03 -2.92 27.14
CA PRO E 57 -4.51 -1.57 26.86
C PRO E 57 -3.34 -1.33 27.83
N ASN E 58 -2.27 -0.73 27.33
CA ASN E 58 -1.07 -0.47 28.13
C ASN E 58 -0.23 -1.71 28.38
N LEU E 59 -0.58 -2.81 27.70
CA LEU E 59 0.23 -4.01 27.82
C LEU E 59 0.25 -4.77 26.51
N PRO E 60 0.98 -4.25 25.50
CA PRO E 60 1.03 -4.95 24.21
C PRO E 60 1.87 -6.21 24.37
N CYS E 61 1.63 -7.20 23.52
CA CYS E 61 2.43 -8.40 23.57
C CYS E 61 3.73 -8.08 22.82
N LYS E 62 4.78 -8.81 23.16
CA LYS E 62 6.08 -8.63 22.54
C LYS E 62 6.53 -10.05 22.23
N PRO E 63 7.00 -10.31 21.00
CA PRO E 63 7.19 -9.40 19.86
C PRO E 63 6.03 -8.57 19.38
N ASN E 64 6.34 -7.36 18.92
CA ASN E 64 5.33 -6.46 18.36
C ASN E 64 4.46 -7.20 17.34
N THR E 65 3.15 -7.10 17.50
CA THR E 65 2.26 -7.84 16.63
C THR E 65 1.19 -6.95 16.02
N LEU E 66 1.04 -7.06 14.70
CA LEU E 66 0.00 -6.29 14.01
C LEU E 66 -1.12 -7.26 13.67
N MET E 67 -2.35 -6.85 13.96
CA MET E 67 -3.56 -7.65 13.71
C MET E 67 -4.39 -6.99 12.64
N PHE E 68 -4.94 -7.77 11.73
CA PHE E 68 -5.81 -7.22 10.68
C PHE E 68 -6.94 -8.21 10.44
N ASN E 69 -8.13 -7.68 10.14
CA ASN E 69 -9.28 -8.55 9.91
C ASN E 69 -9.46 -8.93 8.44
N LYS E 70 -10.10 -10.08 8.23
CA LYS E 70 -10.37 -10.61 6.90
C LYS E 70 -11.79 -10.28 6.50
N VAL E 71 -12.69 -10.33 7.47
CA VAL E 71 -14.10 -10.05 7.23
C VAL E 71 -14.41 -8.60 7.50
N THR E 72 -15.05 -7.94 6.54
CA THR E 72 -15.41 -6.54 6.65
C THR E 72 -16.09 -6.26 7.98
N ILE E 73 -15.63 -5.25 8.68
CA ILE E 73 -16.21 -4.89 9.96
C ILE E 73 -17.19 -3.76 9.71
N ASN E 74 -18.49 -4.05 9.83
CA ASN E 74 -19.52 -3.05 9.58
C ASN E 74 -20.11 -2.36 10.80
N ASP E 75 -19.95 -2.97 11.97
CA ASP E 75 -20.52 -2.35 13.16
C ASP E 75 -19.65 -2.55 14.38
N ALA E 76 -20.09 -1.97 15.49
CA ALA E 76 -19.36 -2.06 16.75
C ALA E 76 -19.27 -3.48 17.30
N ARG E 77 -20.32 -4.28 17.10
CA ARG E 77 -20.29 -5.66 17.59
C ARG E 77 -19.10 -6.41 16.99
N GLN E 78 -18.92 -6.29 15.67
CA GLN E 78 -17.82 -6.95 15.00
C GLN E 78 -16.48 -6.39 15.42
N ALA E 79 -16.42 -5.07 15.58
CA ALA E 79 -15.19 -4.38 15.98
C ALA E 79 -14.69 -4.84 17.36
N VAL E 80 -15.62 -4.97 18.30
CA VAL E 80 -15.26 -5.40 19.65
C VAL E 80 -14.84 -6.88 19.70
N GLN E 81 -15.46 -7.71 18.85
CA GLN E 81 -15.08 -9.11 18.83
C GLN E 81 -13.64 -9.20 18.33
N MET E 82 -13.36 -8.53 17.21
CA MET E 82 -12.02 -8.52 16.64
C MET E 82 -11.01 -7.99 17.63
N PHE E 83 -11.33 -6.84 18.23
CA PHE E 83 -10.41 -6.25 19.18
C PHE E 83 -10.77 -6.39 20.65
N GLY E 84 -11.32 -7.55 20.98
CA GLY E 84 -11.67 -7.87 22.35
C GLY E 84 -11.25 -9.31 22.56
N PRO E 85 -12.18 -10.27 22.43
CA PRO E 85 -11.80 -11.67 22.61
C PRO E 85 -10.72 -12.15 21.65
N ALA E 86 -10.84 -11.83 20.37
CA ALA E 86 -9.81 -12.29 19.43
C ALA E 86 -8.47 -11.60 19.74
N GLN E 87 -8.49 -10.29 19.94
CA GLN E 87 -7.23 -9.59 20.22
C GLN E 87 -6.54 -10.17 21.45
N HIS E 88 -7.30 -10.32 22.54
CA HIS E 88 -6.73 -10.87 23.76
C HIS E 88 -6.18 -12.27 23.47
N GLY E 89 -6.95 -13.09 22.75
CA GLY E 89 -6.49 -14.43 22.40
C GLY E 89 -5.21 -14.43 21.59
N VAL E 90 -5.15 -13.61 20.55
CA VAL E 90 -3.96 -13.51 19.71
C VAL E 90 -2.76 -13.06 20.54
N ALA E 91 -2.95 -12.00 21.31
CA ALA E 91 -1.86 -11.45 22.11
C ALA E 91 -1.35 -12.45 23.16
N MET E 92 -2.27 -13.17 23.82
CA MET E 92 -1.83 -14.16 24.82
C MET E 92 -1.09 -15.33 24.14
N ALA E 93 -1.52 -15.67 22.93
CA ALA E 93 -0.86 -16.75 22.21
C ALA E 93 0.58 -16.35 21.94
N VAL E 94 0.78 -15.10 21.51
CA VAL E 94 2.13 -14.62 21.23
C VAL E 94 2.95 -14.64 22.52
N GLN E 95 2.40 -14.11 23.61
CA GLN E 95 3.15 -14.07 24.87
C GLN E 95 3.40 -15.43 25.47
N ASP E 96 2.43 -16.34 25.35
CA ASP E 96 2.62 -17.69 25.89
C ASP E 96 3.71 -18.39 25.07
N ALA E 97 3.79 -18.07 23.78
CA ALA E 97 4.80 -18.68 22.92
C ALA E 97 6.17 -18.25 23.38
N VAL E 98 6.28 -17.00 23.81
CA VAL E 98 7.55 -16.47 24.29
C VAL E 98 7.87 -17.14 25.63
N ALA E 99 6.88 -17.19 26.50
CA ALA E 99 7.07 -17.82 27.82
C ALA E 99 7.52 -19.28 27.67
N GLU E 100 6.93 -19.99 26.70
CA GLU E 100 7.26 -21.40 26.50
C GLU E 100 8.51 -21.64 25.67
N GLY E 101 9.15 -20.57 25.21
CA GLY E 101 10.36 -20.76 24.41
C GLY E 101 10.18 -21.06 22.93
N ILE E 102 8.94 -21.03 22.44
CA ILE E 102 8.66 -21.30 21.04
C ILE E 102 9.26 -20.13 20.26
N ILE E 103 9.10 -18.94 20.82
CA ILE E 103 9.71 -17.74 20.27
C ILE E 103 10.75 -17.48 21.33
N PRO E 104 12.04 -17.68 21.01
CA PRO E 104 13.06 -17.44 22.04
C PRO E 104 12.92 -16.08 22.71
N ALA E 105 13.04 -16.07 24.03
CA ALA E 105 12.92 -14.85 24.80
C ALA E 105 13.94 -13.78 24.38
N ASP E 106 15.14 -14.22 24.00
CA ASP E 106 16.19 -13.29 23.61
C ASP E 106 16.08 -12.80 22.18
N GLU E 107 14.96 -13.12 21.53
CA GLU E 107 14.73 -12.69 20.16
C GLU E 107 13.40 -11.90 20.12
N ALA E 108 12.60 -12.05 21.17
CA ALA E 108 11.31 -11.39 21.24
C ALA E 108 11.28 -9.87 21.06
N ASP E 109 12.36 -9.18 21.42
CA ASP E 109 12.36 -7.72 21.27
C ASP E 109 12.81 -7.28 19.88
N ASP E 110 13.13 -8.24 19.01
CA ASP E 110 13.56 -7.89 17.67
C ASP E 110 12.84 -8.65 16.58
N LEU E 111 11.60 -9.04 16.86
CA LEU E 111 10.78 -9.76 15.89
C LEU E 111 9.46 -9.02 15.67
N TYR E 112 8.81 -9.32 14.56
CA TYR E 112 7.53 -8.71 14.24
C TYR E 112 6.59 -9.82 13.83
N VAL E 113 5.33 -9.75 14.26
CA VAL E 113 4.34 -10.75 13.91
C VAL E 113 3.15 -10.08 13.25
N LEU E 114 2.68 -10.67 12.15
CA LEU E 114 1.54 -10.13 11.39
C LEU E 114 0.47 -11.22 11.47
N VAL E 115 -0.72 -10.86 11.97
CA VAL E 115 -1.79 -11.83 12.15
C VAL E 115 -3.13 -11.46 11.49
N GLY E 116 -3.52 -12.26 10.50
CA GLY E 116 -4.78 -12.07 9.79
C GLY E 116 -5.79 -12.93 10.54
N VAL E 117 -6.88 -12.32 10.99
N VAL E 117 -6.89 -12.30 10.96
CA VAL E 117 -7.87 -13.07 11.75
CA VAL E 117 -7.90 -12.98 11.74
C VAL E 117 -9.23 -13.09 11.12
C VAL E 117 -9.25 -13.10 11.08
N PHE E 118 -9.87 -14.26 11.23
CA PHE E 118 -11.18 -14.51 10.65
C PHE E 118 -12.24 -14.63 11.76
N ILE E 119 -13.31 -13.88 11.60
CA ILE E 119 -14.42 -13.94 12.51
C ILE E 119 -15.66 -13.85 11.63
N HIS E 120 -16.38 -14.96 11.51
CA HIS E 120 -17.58 -15.02 10.67
C HIS E 120 -18.54 -13.98 11.20
N TRP E 121 -19.35 -13.39 10.32
CA TRP E 121 -20.27 -12.36 10.79
C TRP E 121 -21.37 -12.90 11.72
N GLU E 122 -21.46 -14.21 11.86
CA GLU E 122 -22.46 -14.80 12.74
C GLU E 122 -21.86 -15.29 14.04
N ALA E 123 -20.56 -15.04 14.22
CA ALA E 123 -19.89 -15.46 15.46
C ALA E 123 -20.63 -14.78 16.61
N ALA E 124 -20.79 -15.48 17.73
CA ALA E 124 -21.51 -14.89 18.86
C ALA E 124 -20.92 -15.18 20.23
N ASP E 125 -20.30 -16.35 20.41
CA ASP E 125 -19.73 -16.73 21.70
C ASP E 125 -18.29 -16.22 21.90
N ASP E 126 -18.15 -15.14 22.67
CA ASP E 126 -16.85 -14.52 22.94
C ASP E 126 -15.81 -15.49 23.47
N ALA E 127 -16.24 -16.39 24.35
CA ALA E 127 -15.32 -17.32 24.95
C ALA E 127 -14.69 -18.20 23.89
N LYS E 128 -15.49 -18.61 22.91
CA LYS E 128 -15.00 -19.46 21.82
C LYS E 128 -14.12 -18.67 20.86
N ILE E 129 -14.53 -17.45 20.53
CA ILE E 129 -13.74 -16.60 19.63
C ILE E 129 -12.36 -16.47 20.26
N GLN E 130 -12.34 -16.15 21.55
CA GLN E 130 -11.08 -15.98 22.25
C GLN E 130 -10.23 -17.23 22.27
N LYS E 131 -10.85 -18.35 22.61
CA LYS E 131 -10.12 -19.62 22.72
C LYS E 131 -9.62 -20.15 21.39
N TYR E 132 -10.48 -20.15 20.37
CA TYR E 132 -10.10 -20.66 19.07
C TYR E 132 -8.99 -19.81 18.46
N ASN E 133 -9.11 -18.49 18.58
CA ASN E 133 -8.08 -17.63 18.03
C ASN E 133 -6.78 -17.77 18.78
N TYR E 134 -6.85 -18.02 20.09
CA TYR E 134 -5.66 -18.22 20.89
C TYR E 134 -4.97 -19.50 20.39
N GLU E 135 -5.77 -20.55 20.23
CA GLU E 135 -5.24 -21.83 19.80
C GLU E 135 -4.74 -21.79 18.34
N ALA E 136 -5.48 -21.15 17.45
CA ALA E 136 -5.06 -21.08 16.05
C ALA E 136 -3.80 -20.23 15.90
N THR E 137 -3.73 -19.14 16.65
CA THR E 137 -2.56 -18.27 16.58
C THR E 137 -1.32 -19.02 17.10
N LYS E 138 -1.48 -19.76 18.20
CA LYS E 138 -0.34 -20.47 18.78
C LYS E 138 0.13 -21.59 17.85
N LEU E 139 -0.81 -22.25 17.20
CA LEU E 139 -0.45 -23.30 16.27
C LEU E 139 0.29 -22.68 15.07
N SER E 140 -0.21 -21.54 14.59
CA SER E 140 0.44 -20.87 13.45
C SER E 140 1.85 -20.43 13.78
N ILE E 141 2.06 -19.95 15.01
CA ILE E 141 3.39 -19.49 15.42
C ILE E 141 4.34 -20.68 15.48
N GLN E 142 3.88 -21.76 16.11
CA GLN E 142 4.68 -22.96 16.25
C GLN E 142 5.07 -23.49 14.86
N ARG E 143 4.11 -23.50 13.94
CA ARG E 143 4.40 -23.96 12.58
C ARG E 143 5.36 -23.01 11.89
N ALA E 144 5.04 -21.70 11.92
CA ALA E 144 5.91 -20.72 11.25
C ALA E 144 7.36 -20.76 11.76
N VAL E 145 7.55 -20.83 13.06
CA VAL E 145 8.89 -20.82 13.62
C VAL E 145 9.79 -21.96 13.12
N ASN E 146 9.17 -23.07 12.72
CA ASN E 146 9.90 -24.23 12.21
C ASN E 146 9.79 -24.33 10.70
N GLY E 147 9.20 -23.33 10.08
CA GLY E 147 9.04 -23.36 8.63
C GLY E 147 8.17 -24.51 8.18
N GLU E 148 7.21 -24.91 9.01
CA GLU E 148 6.31 -26.01 8.71
C GLU E 148 4.91 -25.57 8.31
N PRO E 149 4.23 -26.39 7.52
CA PRO E 149 4.75 -27.68 7.02
C PRO E 149 5.75 -27.50 5.89
N LYS E 150 6.84 -28.25 5.94
CA LYS E 150 7.86 -28.18 4.88
C LYS E 150 7.24 -28.60 3.55
N ALA E 151 7.79 -28.09 2.46
CA ALA E 151 7.29 -28.40 1.12
C ALA E 151 7.25 -29.91 0.85
N SER E 152 8.31 -30.62 1.23
CA SER E 152 8.30 -32.07 1.00
C SER E 152 7.14 -32.73 1.72
N VAL E 153 6.78 -32.22 2.90
CA VAL E 153 5.68 -32.78 3.67
C VAL E 153 4.34 -32.52 2.97
N VAL E 154 4.16 -31.31 2.47
CA VAL E 154 2.90 -31.00 1.79
C VAL E 154 2.78 -31.82 0.50
N THR E 155 3.90 -31.93 -0.24
CA THR E 155 3.91 -32.68 -1.51
C THR E 155 3.45 -34.13 -1.27
N GLU E 156 4.00 -34.74 -0.23
CA GLU E 156 3.63 -36.12 0.14
C GLU E 156 2.16 -36.32 0.46
N GLN E 157 1.54 -35.38 1.15
CA GLN E 157 0.14 -35.57 1.49
C GLN E 157 -0.87 -34.72 0.77
N ARG E 158 -0.49 -34.12 -0.36
CA ARG E 158 -1.42 -33.25 -1.08
C ARG E 158 -2.68 -33.95 -1.57
N LYS E 159 -2.55 -35.19 -1.99
CA LYS E 159 -3.67 -35.95 -2.51
C LYS E 159 -4.73 -36.44 -1.50
N SER E 160 -4.36 -36.47 -0.22
CA SER E 160 -5.31 -36.93 0.79
C SER E 160 -6.00 -35.82 1.58
N ALA E 161 -5.60 -34.57 1.34
CA ALA E 161 -6.21 -33.45 2.06
C ALA E 161 -7.58 -33.13 1.51
N THR E 162 -8.46 -32.62 2.37
CA THR E 162 -9.80 -32.29 1.93
C THR E 162 -10.21 -30.85 2.25
N HIS E 163 -10.37 -30.05 1.21
CA HIS E 163 -10.77 -28.66 1.40
C HIS E 163 -12.27 -28.68 1.52
N PRO E 164 -12.79 -28.20 2.65
CA PRO E 164 -14.23 -28.17 2.91
C PRO E 164 -15.05 -27.45 1.86
N PHE E 165 -14.42 -26.57 1.10
CA PHE E 165 -15.16 -25.83 0.08
C PHE E 165 -14.79 -26.23 -1.36
N ALA E 166 -13.94 -27.24 -1.49
CA ALA E 166 -13.51 -27.72 -2.80
C ALA E 166 -14.67 -28.44 -3.47
N ALA E 167 -14.60 -28.59 -4.79
CA ALA E 167 -15.65 -29.30 -5.51
C ALA E 167 -15.49 -30.76 -5.18
N ASN E 168 -14.25 -31.15 -4.87
CA ASN E 168 -13.90 -32.51 -4.52
C ASN E 168 -12.39 -32.55 -4.30
#